data_9C3W
#
_entry.id   9C3W
#
_cell.length_a   55.250
_cell.length_b   112.520
_cell.length_c   62.710
_cell.angle_alpha   90.000
_cell.angle_beta   93.340
_cell.angle_gamma   90.000
#
_symmetry.space_group_name_H-M   'P 1 21 1'
#
loop_
_entity.id
_entity.type
_entity.pdbx_description
1 polymer 'BIS3 biphenyl synthase'
2 non-polymer (3R)-butane-1,3-diol
3 non-polymer '[(2R,3S,4R,5R)-5-(6-amino-9H-purin-9-yl)-4-hydroxy-3-(phosphonooxy)oxolan-2-yl]methyl (3R)-3-hydroxy-2,2-dimethyl-4-oxo-4-{[3-oxo-3-({2-[2-(2-phenyl-1,3-dioxolan-2-yl)acetamido]ethyl}amino)propyl]amino}butyl dihydrogen diphosphate'
4 non-polymer '[(2R,3S,4R,5R)-5-(6-amino-9H-purin-9-yl)-4-hydroxy-3-(phosphonooxy)oxolan-2-yl]methyl (3R)-3-hydroxy-2,2-dimethyl-4-oxo-4-[(3-oxo-3-{[2-(3-oxo-3-phenylpropanamido)ethyl]amino}propyl)amino]butyl dihydrogen diphosphate'
5 water water
#
_entity_poly.entity_id   1
_entity_poly.type   'polypeptide(L)'
_entity_poly.pdbx_seq_one_letter_code
;GSMAPLVKNEPQHAKILAIGTANPPNVYHQKDYPDFLFRVTKNEHRTDLREKFDRICEKSRTKKRYLHLTEEMLKANPNI
YTYGAPSLDVRQDICNIEVPKLGQEAALKAIKEWGQPISRITHLIFCTASCVDMPGCDFQLIKLLGLDPSVTRTMIYEAG
(CSD)YAGATVLRMAKDFAENNKGARVLVVCAEITTVFFHGLTDTHLDILVGQALFADGASAVIVGANPEPEIERPLFEI
VACRQTILPNSEHGVVVNIREMGFNYYLSGDVPKFVGGNVVDFMTKTFEKVDGKKKDWNSLFFSVHPGGPAIVDQVEEKL
GLKEGKLRATRHVLSEYGNMGAPTVHFILDEMRNKSIEEGKTTTGEGLEWGVVIGIGPGLTVETAVLRSESIRC
;
_entity_poly.pdbx_strand_id   A,B
#
loop_
_chem_comp.id
_chem_comp.type
_chem_comp.name
_chem_comp.formula
A1AT8 non-polymer '[(2R,3S,4R,5R)-5-(6-amino-9H-purin-9-yl)-4-hydroxy-3-(phosphonooxy)oxolan-2-yl]methyl (3R)-3-hydroxy-2,2-dimethyl-4-oxo-4-[(3-oxo-3-{[2-(3-oxo-3-phenylpropanamido)ethyl]amino}propyl)amino]butyl dihydrogen diphosphate' 'C30 H43 N8 O18 P3'
A1AT9 non-polymer '[(2R,3S,4R,5R)-5-(6-amino-9H-purin-9-yl)-4-hydroxy-3-(phosphonooxy)oxolan-2-yl]methyl (3R)-3-hydroxy-2,2-dimethyl-4-oxo-4-{[3-oxo-3-({2-[2-(2-phenyl-1,3-dioxolan-2-yl)acetamido]ethyl}amino)propyl]amino}butyl dihydrogen diphosphate' 'C32 H47 N8 O19 P3'
BU4 non-polymer (3R)-butane-1,3-diol 'C4 H10 O2'
#
# COMPACT_ATOMS: atom_id res chain seq x y z
N GLN A 12 -5.71 11.99 -24.46
CA GLN A 12 -4.28 12.01 -24.29
C GLN A 12 -3.99 11.07 -23.13
N HIS A 13 -3.47 9.92 -23.46
CA HIS A 13 -3.16 8.93 -22.48
C HIS A 13 -1.87 9.25 -21.76
N ALA A 14 -1.77 8.70 -20.56
CA ALA A 14 -0.52 8.70 -19.81
C ALA A 14 0.58 8.02 -20.61
N LYS A 15 1.77 8.63 -20.59
CA LYS A 15 2.96 8.10 -21.24
C LYS A 15 4.04 7.83 -20.22
N ILE A 16 4.80 6.78 -20.43
CA ILE A 16 6.09 6.64 -19.78
C ILE A 16 7.06 7.58 -20.48
N LEU A 17 7.69 8.47 -19.70
CA LEU A 17 8.60 9.50 -20.20
C LEU A 17 10.07 9.21 -19.94
N ALA A 18 10.38 8.27 -19.06
CA ALA A 18 11.73 7.93 -18.63
C ALA A 18 11.70 6.63 -17.84
N ILE A 19 12.77 5.84 -17.95
CA ILE A 19 12.98 4.67 -17.13
C ILE A 19 14.44 4.68 -16.67
N GLY A 20 14.66 4.55 -15.37
CA GLY A 20 15.98 4.31 -14.83
C GLY A 20 15.98 3.09 -13.94
N THR A 21 17.15 2.48 -13.81
CA THR A 21 17.29 1.28 -13.02
C THR A 21 18.57 1.31 -12.21
N ALA A 22 18.58 0.52 -11.15
CA ALA A 22 19.73 0.40 -10.27
C ALA A 22 19.78 -0.96 -9.60
N ASN A 23 20.96 -1.40 -9.20
CA ASN A 23 21.14 -2.65 -8.47
C ASN A 23 22.22 -2.49 -7.42
N PRO A 24 22.20 -3.30 -6.37
CA PRO A 24 23.33 -3.31 -5.42
C PRO A 24 24.62 -3.68 -6.13
N PRO A 25 25.76 -3.32 -5.55
CA PRO A 25 27.02 -3.52 -6.26
C PRO A 25 27.57 -4.92 -6.26
N ASN A 26 27.10 -5.80 -5.39
CA ASN A 26 27.70 -7.13 -5.25
C ASN A 26 27.10 -8.07 -6.28
N VAL A 27 27.94 -8.62 -7.15
CA VAL A 27 27.49 -9.52 -8.22
CA VAL A 27 27.50 -9.52 -8.22
C VAL A 27 27.70 -10.96 -7.76
N TYR A 28 26.66 -11.76 -7.87
CA TYR A 28 26.66 -13.17 -7.51
C TYR A 28 26.39 -13.95 -8.80
N HIS A 29 27.44 -14.48 -9.40
CA HIS A 29 27.26 -15.36 -10.55
C HIS A 29 26.67 -16.68 -10.11
N GLN A 30 25.69 -17.17 -10.88
CA GLN A 30 24.96 -18.37 -10.51
C GLN A 30 25.87 -19.59 -10.42
N LYS A 31 26.93 -19.63 -11.24
CA LYS A 31 27.83 -20.78 -11.18
C LYS A 31 28.48 -20.88 -9.80
N ASP A 32 28.60 -19.76 -9.10
CA ASP A 32 29.24 -19.73 -7.79
C ASP A 32 28.26 -19.71 -6.62
N TYR A 33 26.96 -19.57 -6.88
CA TYR A 33 26.05 -19.31 -5.77
C TYR A 33 25.79 -20.56 -4.92
N PRO A 34 25.70 -21.76 -5.50
CA PRO A 34 25.57 -22.96 -4.63
C PRO A 34 26.72 -23.08 -3.65
N ASP A 35 27.95 -22.96 -4.12
CA ASP A 35 29.09 -23.01 -3.23
C ASP A 35 28.97 -21.96 -2.13
N PHE A 36 28.62 -20.72 -2.51
CA PHE A 36 28.52 -19.63 -1.54
C PHE A 36 27.42 -19.91 -0.53
N LEU A 37 26.20 -20.23 -1.00
CA LEU A 37 25.06 -20.42 -0.10
C LEU A 37 25.32 -21.53 0.90
N PHE A 38 25.82 -22.68 0.42
CA PHE A 38 25.98 -23.81 1.33
C PHE A 38 27.13 -23.58 2.29
N ARG A 39 28.17 -22.86 1.85
CA ARG A 39 29.27 -22.54 2.76
C ARG A 39 28.84 -21.56 3.83
N VAL A 40 28.22 -20.45 3.43
CA VAL A 40 27.98 -19.39 4.39
C VAL A 40 26.86 -19.76 5.36
N THR A 41 25.98 -20.71 4.99
CA THR A 41 24.92 -21.15 5.89
C THR A 41 25.27 -22.42 6.65
N LYS A 42 26.51 -22.90 6.55
CA LYS A 42 26.98 -24.06 7.33
C LYS A 42 26.15 -25.30 7.02
N ASN A 43 25.91 -25.53 5.73
CA ASN A 43 25.07 -26.62 5.28
C ASN A 43 25.80 -27.54 4.31
N GLU A 44 27.12 -27.51 4.32
CA GLU A 44 27.84 -28.32 3.34
C GLU A 44 27.62 -29.82 3.54
N HIS A 45 27.18 -30.24 4.73
CA HIS A 45 26.85 -31.65 4.90
C HIS A 45 25.56 -32.05 4.19
N ARG A 46 24.70 -31.09 3.82
CA ARG A 46 23.43 -31.41 3.18
C ARG A 46 23.65 -31.61 1.70
N THR A 47 24.42 -32.66 1.39
CA THR A 47 24.70 -32.97 0.00
C THR A 47 23.42 -33.25 -0.76
N ASP A 48 22.38 -33.74 -0.06
CA ASP A 48 21.11 -34.00 -0.72
C ASP A 48 20.49 -32.71 -1.22
N LEU A 49 20.50 -31.70 -0.37
CA LEU A 49 19.96 -30.40 -0.74
C LEU A 49 20.84 -29.69 -1.76
N ARG A 50 22.16 -29.89 -1.68
CA ARG A 50 23.05 -29.31 -2.69
C ARG A 50 22.74 -29.86 -4.08
N GLU A 51 22.49 -31.17 -4.19
CA GLU A 51 22.11 -31.74 -5.48
C GLU A 51 20.87 -31.06 -6.04
N LYS A 52 19.84 -30.92 -5.20
CA LYS A 52 18.60 -30.32 -5.66
C LYS A 52 18.82 -28.88 -6.06
N PHE A 53 19.65 -28.17 -5.30
CA PHE A 53 19.87 -26.76 -5.60
C PHE A 53 20.69 -26.60 -6.88
N ASP A 54 21.69 -27.46 -7.08
CA ASP A 54 22.42 -27.46 -8.35
C ASP A 54 21.48 -27.64 -9.53
N ARG A 55 20.53 -28.58 -9.42
CA ARG A 55 19.61 -28.82 -10.51
CA ARG A 55 19.60 -28.82 -10.50
C ARG A 55 18.74 -27.59 -10.76
N ILE A 56 18.25 -26.97 -9.68
CA ILE A 56 17.39 -25.79 -9.83
C ILE A 56 18.16 -24.65 -10.49
N CYS A 57 19.37 -24.39 -10.01
CA CYS A 57 20.20 -23.34 -10.60
C CYS A 57 20.47 -23.62 -12.08
N GLU A 58 20.72 -24.90 -12.44
CA GLU A 58 20.94 -25.23 -13.85
C GLU A 58 19.73 -24.89 -14.70
N LYS A 59 18.53 -25.03 -14.15
CA LYS A 59 17.30 -24.76 -14.87
C LYS A 59 16.86 -23.31 -14.77
N SER A 60 17.50 -22.52 -13.91
CA SER A 60 16.97 -21.21 -13.56
C SER A 60 16.99 -20.23 -14.72
N ARG A 61 17.87 -20.42 -15.70
CA ARG A 61 18.07 -19.45 -16.78
C ARG A 61 18.47 -18.08 -16.23
N THR A 62 19.10 -18.11 -15.05
CA THR A 62 19.65 -16.93 -14.38
C THR A 62 21.15 -17.08 -14.30
N LYS A 63 21.88 -16.18 -14.98
CA LYS A 63 23.34 -16.25 -14.99
C LYS A 63 23.98 -15.47 -13.84
N LYS A 64 23.41 -14.34 -13.43
CA LYS A 64 23.95 -13.58 -12.33
C LYS A 64 22.83 -12.77 -11.70
N ARG A 65 23.07 -12.37 -10.46
CA ARG A 65 22.16 -11.53 -9.70
C ARG A 65 22.97 -10.54 -8.89
N TYR A 66 22.36 -9.41 -8.60
CA TYR A 66 22.92 -8.38 -7.74
C TYR A 66 22.19 -8.44 -6.40
N LEU A 67 22.97 -8.52 -5.30
CA LEU A 67 22.40 -8.63 -3.96
C LEU A 67 23.09 -7.67 -3.00
N HIS A 68 22.29 -7.05 -2.15
CA HIS A 68 22.84 -6.24 -1.07
C HIS A 68 23.52 -7.12 -0.04
N LEU A 69 22.89 -8.25 0.25
CA LEU A 69 23.38 -9.17 1.27
C LEU A 69 24.81 -9.62 0.99
N THR A 70 25.63 -9.62 2.04
CA THR A 70 27.00 -10.09 1.97
C THR A 70 27.25 -11.15 3.03
N GLU A 71 28.37 -11.88 2.86
CA GLU A 71 28.72 -12.91 3.84
C GLU A 71 28.95 -12.30 5.22
N GLU A 72 29.52 -11.09 5.26
CA GLU A 72 29.76 -10.43 6.53
C GLU A 72 28.47 -10.15 7.28
N MET A 73 27.41 -9.78 6.57
CA MET A 73 26.13 -9.55 7.23
CA MET A 73 26.13 -9.55 7.23
C MET A 73 25.60 -10.84 7.85
N LEU A 74 25.79 -11.98 7.18
CA LEU A 74 25.32 -13.24 7.70
C LEU A 74 26.15 -13.68 8.90
N LYS A 75 27.47 -13.46 8.85
CA LYS A 75 28.31 -13.83 9.97
C LYS A 75 27.93 -13.04 11.21
N ALA A 76 27.58 -11.78 11.04
CA ALA A 76 27.19 -10.94 12.15
C ALA A 76 25.78 -11.23 12.64
N ASN A 77 24.94 -11.80 11.79
CA ASN A 77 23.54 -12.05 12.10
C ASN A 77 23.17 -13.47 11.69
N PRO A 78 23.79 -14.48 12.28
CA PRO A 78 23.48 -15.86 11.85
C PRO A 78 22.02 -16.28 12.04
N ASN A 79 21.24 -15.59 12.83
CA ASN A 79 19.81 -15.91 12.88
C ASN A 79 19.20 -15.79 11.49
N ILE A 80 19.79 -14.99 10.60
CA ILE A 80 19.19 -14.82 9.28
C ILE A 80 19.21 -16.12 8.50
N TYR A 81 20.23 -16.97 8.69
CA TYR A 81 20.27 -18.24 7.97
C TYR A 81 19.90 -19.44 8.85
N THR A 82 19.46 -19.19 10.08
CA THR A 82 18.97 -20.20 10.99
C THR A 82 17.46 -20.32 10.83
N TYR A 83 17.00 -21.35 10.13
CA TYR A 83 15.60 -21.41 9.71
C TYR A 83 14.65 -21.27 10.89
N GLY A 84 13.77 -20.28 10.83
CA GLY A 84 12.74 -20.07 11.82
C GLY A 84 13.13 -19.24 13.02
N ALA A 85 14.40 -18.85 13.12
CA ALA A 85 14.86 -18.07 14.25
C ALA A 85 14.38 -16.62 14.11
N PRO A 86 14.16 -15.93 15.23
CA PRO A 86 13.72 -14.53 15.15
C PRO A 86 14.80 -13.68 14.49
N SER A 87 14.40 -12.91 13.47
CA SER A 87 15.35 -12.14 12.70
C SER A 87 14.70 -10.96 11.95
N LEU A 88 13.39 -10.79 12.09
CA LEU A 88 12.74 -9.70 11.36
C LEU A 88 13.37 -8.35 11.69
N ASP A 89 13.71 -8.13 12.96
CA ASP A 89 14.17 -6.81 13.36
C ASP A 89 15.47 -6.44 12.63
N VAL A 90 16.42 -7.36 12.59
CA VAL A 90 17.67 -6.99 11.90
C VAL A 90 17.44 -6.88 10.40
N ARG A 91 16.54 -7.68 9.82
CA ARG A 91 16.24 -7.56 8.40
C ARG A 91 15.62 -6.21 8.09
N GLN A 92 14.66 -5.79 8.90
CA GLN A 92 14.02 -4.50 8.73
C GLN A 92 15.00 -3.34 8.92
N ASP A 93 15.90 -3.46 9.90
CA ASP A 93 16.90 -2.41 10.13
C ASP A 93 17.71 -2.16 8.88
N ILE A 94 18.03 -3.23 8.13
CA ILE A 94 18.73 -3.11 6.86
C ILE A 94 17.79 -2.59 5.77
N CYS A 95 16.66 -3.26 5.58
CA CYS A 95 15.89 -3.02 4.37
C CYS A 95 15.17 -1.68 4.42
N ASN A 96 14.74 -1.25 5.59
CA ASN A 96 14.08 0.07 5.69
C ASN A 96 15.03 1.20 5.29
N ILE A 97 16.35 0.98 5.36
CA ILE A 97 17.32 1.97 4.89
C ILE A 97 17.71 1.72 3.44
N GLU A 98 17.98 0.47 3.08
CA GLU A 98 18.57 0.19 1.77
C GLU A 98 17.56 0.29 0.65
N VAL A 99 16.29 -0.01 0.92
CA VAL A 99 15.29 0.02 -0.16
C VAL A 99 15.10 1.45 -0.66
N PRO A 100 14.92 2.47 0.20
CA PRO A 100 14.85 3.85 -0.33
C PRO A 100 16.12 4.31 -1.02
N LYS A 101 17.29 3.92 -0.49
CA LYS A 101 18.56 4.30 -1.10
CA LYS A 101 18.56 4.30 -1.10
C LYS A 101 18.68 3.77 -2.52
N LEU A 102 18.39 2.48 -2.72
CA LEU A 102 18.45 1.92 -4.06
C LEU A 102 17.41 2.59 -4.96
N GLY A 103 16.21 2.84 -4.43
CA GLY A 103 15.21 3.59 -5.18
C GLY A 103 15.70 4.95 -5.63
N GLN A 104 16.37 5.67 -4.73
CA GLN A 104 16.95 6.97 -5.06
C GLN A 104 17.87 6.88 -6.26
N GLU A 105 18.70 5.86 -6.34
CA GLU A 105 19.64 5.77 -7.44
C GLU A 105 18.90 5.62 -8.77
N ALA A 106 17.90 4.74 -8.79
CA ALA A 106 17.11 4.58 -9.98
C ALA A 106 16.36 5.86 -10.33
N ALA A 107 15.77 6.50 -9.31
CA ALA A 107 15.00 7.72 -9.54
C ALA A 107 15.86 8.81 -10.15
N LEU A 108 17.08 8.98 -9.66
CA LEU A 108 17.95 10.01 -10.23
C LEU A 108 18.22 9.75 -11.71
N LYS A 109 18.40 8.47 -12.10
CA LYS A 109 18.59 8.16 -13.52
C LYS A 109 17.35 8.48 -14.33
N ALA A 110 16.17 8.14 -13.79
CA ALA A 110 14.96 8.44 -14.52
C ALA A 110 14.76 9.95 -14.66
N ILE A 111 15.03 10.69 -13.59
CA ILE A 111 14.85 12.14 -13.62
C ILE A 111 15.83 12.77 -14.61
N LYS A 112 17.05 12.24 -14.69
CA LYS A 112 18.00 12.76 -15.68
C LYS A 112 17.46 12.58 -17.09
N GLU A 113 16.96 11.38 -17.41
CA GLU A 113 16.44 11.13 -18.75
C GLU A 113 15.28 12.07 -19.04
N TRP A 114 14.40 12.20 -18.07
CA TRP A 114 13.21 13.03 -18.20
C TRP A 114 13.57 14.46 -18.55
N GLY A 115 14.54 15.03 -17.85
CA GLY A 115 15.10 16.31 -18.21
C GLY A 115 14.42 17.51 -17.62
N GLN A 116 13.48 17.32 -16.71
CA GLN A 116 12.73 18.36 -16.01
C GLN A 116 13.24 18.53 -14.60
N PRO A 117 12.96 19.67 -13.99
CA PRO A 117 13.30 19.85 -12.59
C PRO A 117 12.46 18.95 -11.69
N ILE A 118 13.09 18.51 -10.61
CA ILE A 118 12.43 17.64 -9.64
C ILE A 118 11.20 18.33 -9.10
N SER A 119 11.21 19.67 -9.02
CA SER A 119 10.02 20.40 -8.58
C SER A 119 8.79 20.16 -9.45
N ARG A 120 8.93 19.62 -10.68
CA ARG A 120 7.76 19.32 -11.51
C ARG A 120 7.09 18.02 -11.12
N ILE A 121 7.72 17.20 -10.27
CA ILE A 121 7.09 15.96 -9.85
C ILE A 121 5.97 16.32 -8.88
N THR A 122 4.74 15.90 -9.21
CA THR A 122 3.56 16.16 -8.40
C THR A 122 3.09 14.94 -7.60
N HIS A 123 3.48 13.74 -8.01
CA HIS A 123 2.96 12.49 -7.45
C HIS A 123 4.12 11.51 -7.30
N LEU A 124 4.08 10.70 -6.26
CA LEU A 124 5.05 9.63 -6.03
C LEU A 124 4.32 8.34 -5.70
N ILE A 125 4.65 7.29 -6.47
CA ILE A 125 4.27 5.93 -6.12
C ILE A 125 5.54 5.20 -5.74
N PHE A 126 5.63 4.71 -4.50
CA PHE A 126 6.73 3.87 -4.08
C PHE A 126 6.17 2.48 -3.85
N CYS A 127 6.84 1.43 -4.37
CA CYS A 127 6.37 0.07 -4.23
C CYS A 127 7.52 -0.82 -3.75
N THR A 128 7.30 -1.56 -2.67
CA THR A 128 8.27 -2.53 -2.20
C THR A 128 7.56 -3.64 -1.45
N ALA A 129 8.05 -4.87 -1.65
CA ALA A 129 7.61 -6.02 -0.87
C ALA A 129 8.69 -6.48 0.08
N SER A 130 9.72 -5.65 0.31
CA SER A 130 10.93 -6.00 1.02
C SER A 130 11.00 -5.45 2.44
N CYS A 131 10.05 -4.61 2.82
CA CYS A 131 10.13 -3.94 4.13
C CYS A 131 8.81 -3.21 4.35
N VAL A 132 8.64 -2.70 5.56
CA VAL A 132 7.47 -1.89 5.90
C VAL A 132 7.80 -1.08 7.15
N ASP A 133 7.36 0.18 7.14
CA ASP A 133 7.70 1.11 8.21
C ASP A 133 6.75 2.27 8.12
N MET A 134 6.63 3.00 9.22
CA MET A 134 5.84 4.24 9.26
C MET A 134 6.63 5.34 9.95
N PRO A 135 6.90 6.47 9.28
CA PRO A 135 6.63 6.77 7.87
C PRO A 135 7.30 5.79 6.95
N GLY A 136 6.86 5.72 5.70
CA GLY A 136 7.31 4.68 4.79
C GLY A 136 8.43 5.11 3.86
N CYS A 137 8.71 4.21 2.93
CA CYS A 137 9.76 4.43 1.94
C CYS A 137 9.51 5.68 1.12
N ASP A 138 8.23 5.97 0.84
CA ASP A 138 7.90 7.16 0.06
C ASP A 138 8.38 8.41 0.78
N PHE A 139 8.10 8.52 2.09
CA PHE A 139 8.60 9.61 2.90
C PHE A 139 10.13 9.68 2.84
N GLN A 140 10.81 8.54 3.02
CA GLN A 140 12.27 8.58 3.01
C GLN A 140 12.80 9.03 1.66
N LEU A 141 12.14 8.62 0.56
CA LEU A 141 12.61 9.03 -0.77
C LEU A 141 12.40 10.52 -1.01
N ILE A 142 11.30 11.07 -0.49
CA ILE A 142 11.05 12.49 -0.58
C ILE A 142 12.20 13.24 0.07
N LYS A 143 12.66 12.76 1.23
CA LYS A 143 13.80 13.40 1.89
CA LYS A 143 13.80 13.40 1.89
C LYS A 143 15.07 13.26 1.05
N LEU A 144 15.34 12.06 0.55
CA LEU A 144 16.57 11.81 -0.19
C LEU A 144 16.63 12.65 -1.46
N LEU A 145 15.53 12.74 -2.20
CA LEU A 145 15.53 13.47 -3.47
C LEU A 145 15.22 14.96 -3.34
N GLY A 146 14.67 15.40 -2.22
CA GLY A 146 14.23 16.77 -2.12
C GLY A 146 12.98 17.00 -2.91
N LEU A 147 12.09 16.01 -2.98
CA LEU A 147 10.83 16.22 -3.63
C LEU A 147 10.02 17.27 -2.88
N ASP A 148 9.08 17.89 -3.57
CA ASP A 148 8.19 18.85 -2.91
C ASP A 148 7.47 18.17 -1.75
N PRO A 149 7.38 18.81 -0.59
CA PRO A 149 6.73 18.17 0.56
C PRO A 149 5.25 17.91 0.34
N SER A 150 4.65 18.53 -0.67
N SER A 150 4.64 18.54 -0.67
CA SER A 150 3.24 18.32 -0.98
CA SER A 150 3.23 18.34 -1.00
C SER A 150 3.04 17.40 -2.17
C SER A 150 3.04 17.39 -2.17
N VAL A 151 4.04 16.57 -2.50
CA VAL A 151 3.79 15.54 -3.51
CA VAL A 151 3.79 15.54 -3.51
C VAL A 151 2.69 14.61 -3.01
N THR A 152 1.82 14.17 -3.94
CA THR A 152 0.73 13.25 -3.62
C THR A 152 1.22 11.81 -3.74
N ARG A 153 1.18 11.09 -2.63
CA ARG A 153 1.90 9.82 -2.49
C ARG A 153 0.97 8.62 -2.45
N THR A 154 1.46 7.53 -3.03
CA THR A 154 0.85 6.20 -2.94
C THR A 154 1.98 5.25 -2.57
N MET A 155 1.87 4.63 -1.40
CA MET A 155 2.89 3.74 -0.83
C MET A 155 2.35 2.32 -0.91
N ILE A 156 2.86 1.50 -1.82
CA ILE A 156 2.36 0.15 -2.09
C ILE A 156 3.34 -0.81 -1.43
N TYR A 157 2.92 -1.36 -0.28
CA TYR A 157 3.71 -2.30 0.50
C TYR A 157 3.20 -3.72 0.29
N GLU A 158 4.13 -4.65 0.07
CA GLU A 158 3.83 -6.09 0.10
C GLU A 158 2.74 -6.51 -0.86
N ALA A 159 2.77 -5.97 -2.09
CA ALA A 159 1.86 -6.44 -3.12
C ALA A 159 2.42 -7.67 -3.83
N GLY A 160 3.69 -7.62 -4.19
CA GLY A 160 4.29 -8.76 -4.84
C GLY A 160 4.39 -8.61 -6.34
N CSD A 161 4.64 -9.73 -7.00
CA CSD A 161 5.19 -9.68 -8.34
CB CSD A 161 5.83 -11.03 -8.66
SG CSD A 161 7.41 -11.15 -7.91
C CSD A 161 4.29 -9.29 -9.50
O CSD A 161 4.73 -9.23 -10.62
OD1 CSD A 161 7.14 -11.15 -6.52
OD2 CSD A 161 7.86 -12.71 -8.41
H CSD A 161 4.76 -10.63 -6.58
HA CSD A 161 5.93 -8.83 -8.34
HB2 CSD A 161 5.17 -11.86 -8.31
HB3 CSD A 161 5.92 -11.15 -9.77
N TYR A 162 3.03 -8.96 -9.23
CA TYR A 162 2.21 -8.36 -10.27
C TYR A 162 2.36 -6.83 -10.27
N ALA A 163 2.98 -6.27 -9.26
CA ALA A 163 2.85 -4.83 -9.03
C ALA A 163 3.64 -3.97 -10.01
N GLY A 164 4.57 -4.53 -10.78
CA GLY A 164 5.21 -3.77 -11.82
C GLY A 164 4.22 -3.26 -12.86
N ALA A 165 3.16 -4.03 -13.10
CA ALA A 165 2.08 -3.60 -13.97
C ALA A 165 1.09 -2.72 -13.20
N THR A 166 0.78 -3.12 -11.96
CA THR A 166 -0.14 -2.36 -11.14
C THR A 166 0.27 -0.90 -10.99
N VAL A 167 1.57 -0.63 -10.75
CA VAL A 167 1.94 0.75 -10.50
C VAL A 167 1.79 1.59 -11.77
N LEU A 168 1.90 0.97 -12.96
CA LEU A 168 1.66 1.68 -14.21
C LEU A 168 0.18 2.02 -14.36
N ARG A 169 -0.70 1.10 -13.93
CA ARG A 169 -2.13 1.33 -13.92
C ARG A 169 -2.53 2.47 -12.98
N MET A 170 -1.95 2.49 -11.78
CA MET A 170 -2.22 3.58 -10.86
C MET A 170 -1.69 4.89 -11.39
N ALA A 171 -0.44 4.87 -11.88
CA ALA A 171 0.16 6.07 -12.45
C ALA A 171 -0.71 6.62 -13.58
N LYS A 172 -1.26 5.73 -14.41
CA LYS A 172 -2.09 6.15 -15.52
C LYS A 172 -3.27 6.98 -15.03
N ASP A 173 -3.98 6.46 -14.04
CA ASP A 173 -5.14 7.19 -13.57
C ASP A 173 -4.76 8.49 -12.89
N PHE A 174 -3.68 8.49 -12.10
CA PHE A 174 -3.27 9.73 -11.44
C PHE A 174 -2.84 10.78 -12.46
N ALA A 175 -2.08 10.35 -13.46
CA ALA A 175 -1.60 11.28 -14.49
C ALA A 175 -2.71 11.79 -15.40
N GLU A 176 -3.69 10.95 -15.72
CA GLU A 176 -4.75 11.34 -16.65
C GLU A 176 -5.81 12.18 -15.94
N ASN A 177 -6.06 11.93 -14.65
CA ASN A 177 -7.11 12.67 -13.99
C ASN A 177 -6.66 14.00 -13.39
N ASN A 178 -5.36 14.22 -13.27
CA ASN A 178 -4.79 15.42 -12.66
C ASN A 178 -3.94 16.10 -13.74
N LYS A 179 -4.52 17.10 -14.39
CA LYS A 179 -3.87 17.77 -15.51
C LYS A 179 -2.54 18.35 -15.09
N GLY A 180 -1.52 18.05 -15.88
CA GLY A 180 -0.17 18.49 -15.65
C GLY A 180 0.58 17.64 -14.66
N ALA A 181 -0.05 16.62 -14.11
CA ALA A 181 0.65 15.80 -13.14
C ALA A 181 1.82 15.07 -13.77
N ARG A 182 2.87 14.92 -12.97
CA ARG A 182 4.01 14.11 -13.35
C ARG A 182 4.27 13.16 -12.20
N VAL A 183 4.21 11.86 -12.50
CA VAL A 183 4.23 10.80 -11.49
C VAL A 183 5.59 10.13 -11.53
N LEU A 184 6.32 10.21 -10.41
CA LEU A 184 7.51 9.38 -10.20
C LEU A 184 7.06 8.07 -9.57
N VAL A 185 7.36 6.96 -10.26
CA VAL A 185 7.05 5.60 -9.80
C VAL A 185 8.37 4.92 -9.48
N VAL A 186 8.53 4.45 -8.24
CA VAL A 186 9.77 3.77 -7.85
C VAL A 186 9.43 2.43 -7.25
N CYS A 187 10.01 1.38 -7.82
CA CYS A 187 9.87 0.02 -7.30
C CYS A 187 11.25 -0.47 -6.88
N ALA A 188 11.39 -0.90 -5.63
CA ALA A 188 12.71 -1.28 -5.13
C ALA A 188 12.60 -2.50 -4.23
N GLU A 189 13.51 -3.44 -4.44
CA GLU A 189 13.53 -4.69 -3.70
C GLU A 189 14.92 -5.01 -3.22
N ILE A 190 15.01 -5.36 -1.94
CA ILE A 190 16.23 -5.87 -1.30
C ILE A 190 15.84 -7.17 -0.60
N THR A 191 16.31 -8.30 -1.11
CA THR A 191 15.77 -9.60 -0.72
C THR A 191 16.38 -10.14 0.56
N THR A 192 17.19 -9.35 1.24
CA THR A 192 17.67 -9.70 2.57
C THR A 192 16.52 -10.18 3.46
N VAL A 193 15.34 -9.57 3.34
CA VAL A 193 14.21 -9.94 4.20
C VAL A 193 13.64 -11.34 3.89
N PHE A 194 13.92 -11.86 2.69
CA PHE A 194 13.44 -13.15 2.22
C PHE A 194 14.48 -14.27 2.34
N PHE A 195 15.71 -13.97 2.72
CA PHE A 195 16.75 -14.97 2.78
C PHE A 195 16.46 -15.93 3.94
N HIS A 196 16.39 -17.24 3.64
CA HIS A 196 16.20 -18.23 4.69
C HIS A 196 17.13 -19.42 4.50
N GLY A 197 17.44 -20.07 5.61
CA GLY A 197 18.22 -21.28 5.60
C GLY A 197 17.46 -22.48 5.05
N LEU A 198 18.17 -23.60 5.02
CA LEU A 198 17.79 -24.73 4.17
C LEU A 198 17.26 -25.88 5.02
N THR A 199 16.10 -26.39 4.66
CA THR A 199 15.47 -27.50 5.35
C THR A 199 14.61 -28.26 4.34
N ASP A 200 14.65 -29.58 4.41
CA ASP A 200 13.84 -30.39 3.51
C ASP A 200 12.37 -30.36 3.87
N THR A 201 11.98 -29.68 4.96
CA THR A 201 10.58 -29.42 5.27
C THR A 201 10.03 -28.20 4.54
N HIS A 202 10.88 -27.39 3.91
CA HIS A 202 10.45 -26.16 3.24
C HIS A 202 11.36 -25.98 2.02
N LEU A 203 11.17 -26.84 1.02
CA LEU A 203 12.01 -26.86 -0.17
C LEU A 203 11.77 -25.64 -1.05
N ASP A 204 10.64 -24.94 -0.86
CA ASP A 204 10.37 -23.72 -1.63
C ASP A 204 11.55 -22.78 -1.57
N ILE A 205 12.28 -22.78 -0.45
CA ILE A 205 13.38 -21.86 -0.23
C ILE A 205 14.47 -22.10 -1.25
N LEU A 206 14.64 -23.35 -1.72
CA LEU A 206 15.66 -23.58 -2.72
C LEU A 206 15.33 -22.84 -4.01
N VAL A 207 14.04 -22.66 -4.32
CA VAL A 207 13.67 -21.99 -5.55
C VAL A 207 13.91 -20.48 -5.42
N GLY A 208 13.46 -19.90 -4.31
CA GLY A 208 13.74 -18.49 -4.06
C GLY A 208 15.22 -18.17 -3.98
N GLN A 209 16.00 -19.07 -3.35
CA GLN A 209 17.44 -18.85 -3.27
C GLN A 209 18.08 -18.87 -4.65
N ALA A 210 17.50 -19.58 -5.61
CA ALA A 210 18.05 -19.61 -6.95
C ALA A 210 17.63 -18.42 -7.80
N LEU A 211 16.47 -17.83 -7.54
CA LEU A 211 15.85 -16.90 -8.48
C LEU A 211 15.75 -15.46 -7.99
N PHE A 212 15.52 -15.23 -6.69
CA PHE A 212 15.20 -13.90 -6.22
C PHE A 212 16.44 -13.01 -6.21
N ALA A 213 16.22 -11.73 -6.48
CA ALA A 213 17.34 -10.80 -6.65
C ALA A 213 16.90 -9.39 -6.31
N ASP A 214 17.91 -8.50 -6.26
CA ASP A 214 17.73 -7.13 -5.80
C ASP A 214 17.82 -6.17 -6.98
N GLY A 215 17.01 -5.12 -6.91
CA GLY A 215 16.99 -4.13 -7.95
C GLY A 215 15.94 -3.07 -7.69
N ALA A 216 16.08 -1.97 -8.39
CA ALA A 216 15.08 -0.93 -8.35
C ALA A 216 14.87 -0.36 -9.72
N SER A 217 13.63 0.02 -9.99
CA SER A 217 13.28 0.79 -11.18
C SER A 217 12.67 2.11 -10.79
N ALA A 218 12.76 3.05 -11.72
CA ALA A 218 12.03 4.30 -11.61
C ALA A 218 11.47 4.64 -12.97
N VAL A 219 10.21 5.06 -12.97
CA VAL A 219 9.47 5.41 -14.19
C VAL A 219 8.82 6.76 -13.95
N ILE A 220 8.92 7.65 -14.92
CA ILE A 220 8.20 8.93 -14.90
C ILE A 220 7.02 8.79 -15.84
N VAL A 221 5.82 9.09 -15.35
CA VAL A 221 4.58 8.96 -16.11
C VAL A 221 3.89 10.31 -16.15
N GLY A 222 3.42 10.67 -17.33
CA GLY A 222 2.68 11.92 -17.49
C GLY A 222 1.93 11.90 -18.79
N ALA A 223 0.77 12.57 -18.79
CA ALA A 223 0.06 12.84 -20.04
C ALA A 223 0.48 14.21 -20.57
N ASN A 224 0.27 14.41 -21.87
CA ASN A 224 0.57 15.65 -22.57
C ASN A 224 2.04 16.02 -22.48
N PRO A 225 2.92 15.25 -23.10
CA PRO A 225 4.36 15.56 -23.05
C PRO A 225 4.68 16.96 -23.56
N GLU A 226 5.54 17.64 -22.82
CA GLU A 226 5.97 19.01 -23.16
C GLU A 226 6.92 18.97 -24.36
N PRO A 227 6.57 19.59 -25.49
CA PRO A 227 7.42 19.48 -26.68
C PRO A 227 8.82 20.02 -26.45
N GLU A 228 9.80 19.36 -27.04
CA GLU A 228 11.19 19.78 -26.97
C GLU A 228 11.84 19.54 -25.60
N ILE A 229 11.06 19.17 -24.59
CA ILE A 229 11.61 18.80 -23.29
C ILE A 229 11.42 17.31 -23.02
N GLU A 230 10.19 16.84 -23.14
CA GLU A 230 9.82 15.49 -22.76
C GLU A 230 9.62 14.68 -24.03
N ARG A 231 9.94 13.44 -23.93
CA ARG A 231 9.89 12.48 -25.02
C ARG A 231 9.22 11.21 -24.50
N PRO A 232 8.06 10.80 -24.99
CA PRO A 232 7.49 9.53 -24.53
C PRO A 232 8.22 8.30 -25.07
N LEU A 233 8.29 7.28 -24.22
CA LEU A 233 8.79 5.95 -24.57
C LEU A 233 7.68 4.96 -24.88
N PHE A 234 6.62 4.96 -24.05
CA PHE A 234 5.48 4.07 -24.21
C PHE A 234 4.25 4.85 -23.78
N GLU A 235 3.10 4.41 -24.29
CA GLU A 235 1.80 4.93 -23.90
C GLU A 235 1.08 3.85 -23.12
N ILE A 236 0.48 4.21 -22.00
CA ILE A 236 -0.25 3.26 -21.17
C ILE A 236 -1.72 3.37 -21.57
N VAL A 237 -2.21 2.35 -22.27
CA VAL A 237 -3.51 2.45 -22.97
C VAL A 237 -4.66 1.94 -22.11
N ALA A 238 -4.51 0.74 -21.56
CA ALA A 238 -5.56 0.01 -20.86
C ALA A 238 -4.94 -1.05 -19.96
N CYS A 239 -5.65 -1.37 -18.87
CA CYS A 239 -5.11 -2.22 -17.85
C CYS A 239 -6.22 -3.12 -17.33
N ARG A 240 -5.83 -4.28 -16.82
CA ARG A 240 -6.78 -5.22 -16.22
C ARG A 240 -6.07 -6.05 -15.15
N GLN A 241 -6.74 -6.25 -14.01
CA GLN A 241 -6.28 -7.08 -12.92
C GLN A 241 -7.29 -8.21 -12.74
N THR A 242 -6.76 -9.42 -12.56
CA THR A 242 -7.66 -10.55 -12.34
C THR A 242 -6.98 -11.58 -11.45
N ILE A 243 -7.84 -12.38 -10.80
CA ILE A 243 -7.42 -13.50 -9.97
C ILE A 243 -7.64 -14.79 -10.73
N LEU A 244 -6.59 -15.58 -10.86
CA LEU A 244 -6.69 -16.86 -11.54
C LEU A 244 -7.42 -17.84 -10.64
N PRO A 245 -8.42 -18.56 -11.16
CA PRO A 245 -9.22 -19.44 -10.29
C PRO A 245 -8.40 -20.50 -9.57
N ASN A 246 -8.80 -20.78 -8.32
CA ASN A 246 -8.33 -21.93 -7.57
C ASN A 246 -6.81 -21.98 -7.41
N SER A 247 -6.19 -20.80 -7.18
CA SER A 247 -4.73 -20.75 -7.09
C SER A 247 -4.24 -19.94 -5.89
N GLU A 248 -5.04 -19.84 -4.83
N GLU A 248 -5.07 -19.85 -4.84
CA GLU A 248 -4.63 -19.00 -3.70
CA GLU A 248 -4.70 -19.09 -3.65
C GLU A 248 -3.35 -19.52 -3.03
C GLU A 248 -3.34 -19.51 -3.11
N HIS A 249 -3.01 -20.79 -3.20
CA HIS A 249 -1.77 -21.34 -2.66
C HIS A 249 -0.56 -21.11 -3.57
N GLY A 250 -0.71 -20.41 -4.69
CA GLY A 250 0.38 -20.32 -5.64
C GLY A 250 1.59 -19.58 -5.09
N VAL A 251 1.37 -18.40 -4.53
CA VAL A 251 2.44 -17.61 -3.95
C VAL A 251 1.89 -17.01 -2.67
N VAL A 252 2.53 -17.33 -1.55
CA VAL A 252 2.11 -16.88 -0.24
C VAL A 252 3.32 -16.30 0.45
N VAL A 253 3.16 -15.12 1.05
CA VAL A 253 4.22 -14.57 1.89
C VAL A 253 3.61 -14.13 3.20
N ASN A 254 4.15 -14.64 4.29
CA ASN A 254 3.74 -14.25 5.64
C ASN A 254 4.85 -13.43 6.26
N ILE A 255 4.47 -12.30 6.85
CA ILE A 255 5.41 -11.41 7.53
C ILE A 255 5.45 -11.84 8.99
N ARG A 256 6.57 -12.48 9.39
CA ARG A 256 6.69 -13.22 10.63
C ARG A 256 7.92 -12.75 11.41
N GLU A 257 8.03 -13.24 12.64
CA GLU A 257 9.21 -13.00 13.47
C GLU A 257 10.50 -13.50 12.82
N MET A 258 10.42 -14.51 11.95
CA MET A 258 11.58 -15.07 11.26
C MET A 258 11.95 -14.34 9.98
N GLY A 259 11.24 -13.27 9.63
CA GLY A 259 11.41 -12.59 8.35
C GLY A 259 10.17 -12.76 7.50
N PHE A 260 10.32 -12.47 6.20
CA PHE A 260 9.22 -12.64 5.26
C PHE A 260 9.33 -14.08 4.75
N ASN A 261 8.46 -14.93 5.23
CA ASN A 261 8.47 -16.35 4.88
C ASN A 261 7.60 -16.53 3.65
N TYR A 262 8.05 -17.37 2.72
CA TYR A 262 7.29 -17.51 1.49
C TYR A 262 7.12 -18.97 1.10
N TYR A 263 6.07 -19.22 0.34
CA TYR A 263 5.70 -20.53 -0.17
C TYR A 263 5.37 -20.37 -1.65
N LEU A 264 5.85 -21.29 -2.47
CA LEU A 264 5.71 -21.25 -3.92
C LEU A 264 5.18 -22.60 -4.38
N SER A 265 4.00 -22.63 -4.98
CA SER A 265 3.47 -23.88 -5.52
C SER A 265 4.17 -24.25 -6.81
N GLY A 266 4.51 -25.54 -6.95
CA GLY A 266 5.04 -26.02 -8.20
C GLY A 266 4.09 -25.89 -9.38
N ASP A 267 2.82 -25.65 -9.10
CA ASP A 267 1.83 -25.52 -10.17
C ASP A 267 1.68 -24.10 -10.70
N VAL A 268 2.43 -23.11 -10.20
CA VAL A 268 2.25 -21.75 -10.69
C VAL A 268 2.43 -21.68 -12.21
N PRO A 269 3.46 -22.27 -12.81
CA PRO A 269 3.56 -22.17 -14.27
C PRO A 269 2.36 -22.74 -14.98
N LYS A 270 1.79 -23.83 -14.46
CA LYS A 270 0.60 -24.42 -15.10
C LYS A 270 -0.61 -23.51 -14.98
N PHE A 271 -0.77 -22.84 -13.85
CA PHE A 271 -1.86 -21.89 -13.70
C PHE A 271 -1.72 -20.73 -14.68
N VAL A 272 -0.51 -20.23 -14.85
CA VAL A 272 -0.30 -19.13 -15.79
C VAL A 272 -0.60 -19.58 -17.21
N GLY A 273 -0.04 -20.73 -17.60
CA GLY A 273 -0.28 -21.25 -18.94
C GLY A 273 -1.75 -21.53 -19.22
N GLY A 274 -2.46 -22.05 -18.22
CA GLY A 274 -3.87 -22.40 -18.41
C GLY A 274 -4.79 -21.21 -18.48
N ASN A 275 -4.30 -20.03 -18.10
CA ASN A 275 -5.10 -18.82 -18.06
C ASN A 275 -4.63 -17.71 -19.01
N VAL A 276 -3.45 -17.83 -19.62
CA VAL A 276 -2.88 -16.68 -20.33
C VAL A 276 -3.72 -16.31 -21.55
N VAL A 277 -4.22 -17.27 -22.33
CA VAL A 277 -5.02 -16.86 -23.46
C VAL A 277 -6.25 -16.07 -22.99
N ASP A 278 -6.90 -16.56 -21.93
CA ASP A 278 -8.07 -15.85 -21.42
C ASP A 278 -7.71 -14.46 -20.93
N PHE A 279 -6.71 -14.35 -20.06
CA PHE A 279 -6.46 -13.03 -19.49
C PHE A 279 -5.89 -12.06 -20.53
N MET A 280 -5.18 -12.55 -21.55
CA MET A 280 -4.82 -11.68 -22.66
C MET A 280 -6.05 -11.25 -23.44
N THR A 281 -6.96 -12.19 -23.72
CA THR A 281 -8.13 -11.84 -24.52
C THR A 281 -9.00 -10.82 -23.80
N LYS A 282 -9.24 -11.04 -22.50
CA LYS A 282 -10.03 -10.11 -21.73
C LYS A 282 -9.37 -8.75 -21.62
N THR A 283 -8.04 -8.71 -21.59
CA THR A 283 -7.36 -7.41 -21.57
C THR A 283 -7.60 -6.65 -22.86
N PHE A 284 -7.45 -7.32 -23.99
CA PHE A 284 -7.56 -6.62 -25.25
C PHE A 284 -9.00 -6.37 -25.65
N GLU A 285 -9.98 -6.97 -24.98
CA GLU A 285 -11.36 -6.54 -25.15
C GLU A 285 -11.53 -5.08 -24.74
N LYS A 286 -10.66 -4.57 -23.89
CA LYS A 286 -10.75 -3.17 -23.53
C LYS A 286 -10.19 -2.26 -24.61
N VAL A 287 -9.61 -2.82 -25.67
CA VAL A 287 -8.94 -2.02 -26.70
C VAL A 287 -9.61 -2.25 -28.05
N ASP A 288 -9.38 -3.41 -28.67
CA ASP A 288 -9.83 -3.69 -30.02
C ASP A 288 -10.48 -5.06 -30.17
N GLY A 289 -10.56 -5.84 -29.10
CA GLY A 289 -11.07 -7.19 -29.20
C GLY A 289 -10.11 -8.22 -29.76
N LYS A 290 -8.82 -7.92 -29.78
CA LYS A 290 -7.85 -8.91 -30.24
C LYS A 290 -8.03 -10.23 -29.50
N LYS A 291 -8.02 -11.33 -30.26
CA LYS A 291 -8.26 -12.66 -29.73
C LYS A 291 -7.25 -13.69 -30.19
N LYS A 292 -6.31 -13.33 -31.07
CA LYS A 292 -5.31 -14.27 -31.56
C LYS A 292 -4.17 -13.46 -32.19
N ASP A 293 -3.20 -14.18 -32.77
CA ASP A 293 -2.05 -13.55 -33.45
C ASP A 293 -1.27 -12.68 -32.46
N TRP A 294 -0.89 -13.28 -31.35
CA TRP A 294 -0.20 -12.59 -30.28
C TRP A 294 1.21 -12.18 -30.66
N ASN A 295 1.76 -12.74 -31.74
CA ASN A 295 3.10 -12.36 -32.18
C ASN A 295 3.15 -10.95 -32.73
N SER A 296 2.01 -10.32 -32.96
CA SER A 296 2.00 -8.94 -33.44
C SER A 296 2.39 -7.97 -32.34
N LEU A 297 2.51 -8.44 -31.10
CA LEU A 297 2.75 -7.61 -29.93
C LEU A 297 4.21 -7.68 -29.52
N PHE A 298 4.66 -6.65 -28.79
CA PHE A 298 5.85 -6.79 -27.96
C PHE A 298 5.44 -7.07 -26.51
N PHE A 299 6.36 -7.68 -25.75
CA PHE A 299 6.03 -8.24 -24.45
C PHE A 299 7.06 -7.86 -23.38
N SER A 300 6.56 -7.49 -22.20
CA SER A 300 7.35 -7.47 -20.97
C SER A 300 6.64 -8.39 -20.00
N VAL A 301 7.18 -9.60 -19.80
CA VAL A 301 6.54 -10.62 -18.99
C VAL A 301 7.34 -10.73 -17.69
N HIS A 302 6.65 -10.66 -16.56
CA HIS A 302 7.36 -10.81 -15.32
C HIS A 302 7.99 -12.22 -15.25
N PRO A 303 9.31 -12.35 -15.17
CA PRO A 303 9.91 -13.69 -15.24
C PRO A 303 9.98 -14.34 -13.87
N GLY A 304 8.82 -14.68 -13.31
CA GLY A 304 8.81 -15.19 -11.95
C GLY A 304 9.68 -16.41 -11.81
N GLY A 305 9.74 -17.22 -12.86
CA GLY A 305 10.73 -18.23 -13.06
C GLY A 305 10.75 -18.55 -14.54
N PRO A 306 11.72 -19.33 -14.98
CA PRO A 306 11.82 -19.63 -16.41
C PRO A 306 10.62 -20.40 -16.95
N ALA A 307 9.99 -21.26 -16.13
CA ALA A 307 8.85 -22.03 -16.61
C ALA A 307 7.62 -21.15 -16.86
N ILE A 308 7.50 -20.04 -16.11
CA ILE A 308 6.42 -19.10 -16.39
C ILE A 308 6.62 -18.50 -17.78
N VAL A 309 7.87 -18.08 -18.08
CA VAL A 309 8.16 -17.52 -19.40
C VAL A 309 7.84 -18.53 -20.48
N ASP A 310 8.31 -19.77 -20.30
CA ASP A 310 8.05 -20.82 -21.28
C ASP A 310 6.56 -21.04 -21.50
N GLN A 311 5.76 -21.00 -20.43
CA GLN A 311 4.31 -21.22 -20.57
C GLN A 311 3.65 -20.10 -21.36
N VAL A 312 4.01 -18.85 -21.10
CA VAL A 312 3.42 -17.77 -21.88
C VAL A 312 3.78 -17.92 -23.35
N GLU A 313 5.05 -18.20 -23.64
CA GLU A 313 5.49 -18.40 -25.02
C GLU A 313 4.72 -19.53 -25.69
N GLU A 314 4.57 -20.66 -24.99
CA GLU A 314 3.95 -21.83 -25.62
C GLU A 314 2.46 -21.60 -25.84
N LYS A 315 1.74 -21.15 -24.81
CA LYS A 315 0.29 -21.08 -24.94
C LYS A 315 -0.18 -19.91 -25.78
N LEU A 316 0.61 -18.85 -25.95
CA LEU A 316 0.29 -17.78 -26.88
C LEU A 316 0.85 -18.03 -28.27
N GLY A 317 1.54 -19.14 -28.47
CA GLY A 317 2.10 -19.42 -29.79
C GLY A 317 3.16 -18.43 -30.23
N LEU A 318 3.97 -17.95 -29.28
CA LEU A 318 4.98 -16.96 -29.62
C LEU A 318 6.14 -17.60 -30.37
N LYS A 319 6.63 -16.86 -31.36
CA LYS A 319 7.75 -17.30 -32.17
C LYS A 319 9.04 -17.23 -31.37
N GLU A 320 10.02 -18.01 -31.83
CA GLU A 320 11.36 -17.94 -31.25
C GLU A 320 11.86 -16.49 -31.24
N GLY A 321 12.37 -16.07 -30.09
CA GLY A 321 12.90 -14.74 -29.92
C GLY A 321 11.89 -13.70 -29.46
N LYS A 322 10.59 -14.01 -29.46
CA LYS A 322 9.64 -12.96 -29.10
C LYS A 322 9.91 -12.45 -27.69
N LEU A 323 10.28 -13.33 -26.76
CA LEU A 323 10.51 -12.96 -25.37
C LEU A 323 11.99 -12.78 -25.04
N ARG A 324 12.79 -12.38 -26.04
CA ARG A 324 14.22 -12.22 -25.82
CA ARG A 324 14.23 -12.22 -25.82
C ARG A 324 14.52 -11.21 -24.72
N ALA A 325 13.84 -10.05 -24.73
CA ALA A 325 14.15 -9.03 -23.73
C ALA A 325 13.83 -9.52 -22.32
N THR A 326 12.70 -10.22 -22.17
CA THR A 326 12.34 -10.82 -20.90
C THR A 326 13.39 -11.83 -20.43
N ARG A 327 13.78 -12.74 -21.31
CA ARG A 327 14.80 -13.72 -20.96
C ARG A 327 16.16 -13.08 -20.71
N HIS A 328 16.46 -11.96 -21.38
CA HIS A 328 17.75 -11.32 -21.17
C HIS A 328 17.83 -10.75 -19.76
N VAL A 329 16.75 -10.15 -19.29
CA VAL A 329 16.75 -9.57 -17.96
C VAL A 329 16.79 -10.68 -16.92
N LEU A 330 16.01 -11.73 -17.12
CA LEU A 330 16.05 -12.87 -16.19
C LEU A 330 17.48 -13.42 -16.10
N SER A 331 18.17 -13.53 -17.23
CA SER A 331 19.54 -14.04 -17.24
C SER A 331 20.51 -13.10 -16.51
N GLU A 332 20.42 -11.79 -16.76
CA GLU A 332 21.43 -10.89 -16.26
C GLU A 332 21.12 -10.30 -14.90
N TYR A 333 19.88 -10.40 -14.42
CA TYR A 333 19.46 -9.81 -13.16
C TYR A 333 18.67 -10.72 -12.25
N GLY A 334 18.08 -11.81 -12.74
CA GLY A 334 17.19 -12.63 -11.94
C GLY A 334 15.82 -11.99 -11.79
N ASN A 335 15.03 -12.60 -10.90
CA ASN A 335 13.68 -12.13 -10.58
C ASN A 335 13.79 -11.09 -9.46
N MET A 336 13.70 -9.81 -9.81
CA MET A 336 13.80 -8.76 -8.81
C MET A 336 12.44 -8.30 -8.31
N GLY A 337 11.38 -9.04 -8.59
CA GLY A 337 10.06 -8.63 -8.16
C GLY A 337 9.48 -7.58 -9.09
N ALA A 338 8.66 -6.69 -8.50
CA ALA A 338 7.94 -5.71 -9.30
C ALA A 338 8.80 -4.91 -10.27
N PRO A 339 10.02 -4.46 -9.94
CA PRO A 339 10.79 -3.69 -10.92
C PRO A 339 11.12 -4.44 -12.20
N THR A 340 11.07 -5.78 -12.21
CA THR A 340 11.65 -6.53 -13.32
C THR A 340 11.02 -6.19 -14.66
N VAL A 341 9.70 -5.99 -14.72
CA VAL A 341 9.07 -5.69 -15.99
C VAL A 341 9.54 -4.33 -16.51
N HIS A 342 9.94 -3.41 -15.61
CA HIS A 342 10.46 -2.13 -16.08
C HIS A 342 11.87 -2.26 -16.60
N PHE A 343 12.69 -3.12 -15.96
CA PHE A 343 14.00 -3.47 -16.53
C PHE A 343 13.81 -4.01 -17.94
N ILE A 344 12.77 -4.83 -18.14
CA ILE A 344 12.55 -5.44 -19.45
C ILE A 344 12.17 -4.38 -20.48
N LEU A 345 11.30 -3.43 -20.12
CA LEU A 345 10.97 -2.36 -21.04
C LEU A 345 12.19 -1.51 -21.38
N ASP A 346 13.04 -1.25 -20.38
CA ASP A 346 14.25 -0.48 -20.63
C ASP A 346 15.18 -1.24 -21.57
N GLU A 347 15.33 -2.54 -21.35
CA GLU A 347 16.16 -3.38 -22.20
C GLU A 347 15.61 -3.38 -23.62
N MET A 348 14.29 -3.52 -23.76
CA MET A 348 13.64 -3.45 -25.07
C MET A 348 13.95 -2.15 -25.79
N ARG A 349 13.83 -1.04 -25.06
CA ARG A 349 14.14 0.25 -25.64
C ARG A 349 15.61 0.31 -26.06
N ASN A 350 16.50 -0.20 -25.22
CA ASN A 350 17.92 -0.12 -25.53
C ASN A 350 18.26 -0.96 -26.75
N LYS A 351 17.76 -2.19 -26.79
CA LYS A 351 18.01 -3.04 -27.95
C LYS A 351 17.36 -2.47 -29.20
N SER A 352 16.20 -1.82 -29.05
CA SER A 352 15.56 -1.23 -30.22
C SER A 352 16.42 -0.11 -30.82
N ILE A 353 17.02 0.72 -29.96
CA ILE A 353 18.02 1.68 -30.42
C ILE A 353 19.18 0.97 -31.11
N GLU A 354 19.73 -0.06 -30.46
CA GLU A 354 20.91 -0.74 -31.01
C GLU A 354 20.63 -1.25 -32.42
N GLU A 355 19.44 -1.83 -32.63
CA GLU A 355 19.03 -2.45 -33.88
C GLU A 355 18.49 -1.45 -34.90
N GLY A 356 18.37 -0.17 -34.56
CA GLY A 356 17.77 0.76 -35.49
C GLY A 356 16.30 0.55 -35.75
N LYS A 357 15.58 0.00 -34.78
CA LYS A 357 14.14 -0.17 -34.92
C LYS A 357 13.40 1.18 -34.95
N THR A 358 12.19 1.17 -35.54
CA THR A 358 11.42 2.39 -35.69
C THR A 358 10.73 2.82 -34.39
N THR A 359 10.59 1.90 -33.43
CA THR A 359 9.92 2.20 -32.18
C THR A 359 10.64 1.52 -31.03
N THR A 360 10.33 2.00 -29.81
CA THR A 360 10.86 1.44 -28.56
C THR A 360 10.39 0.02 -28.28
N GLY A 361 9.35 -0.45 -28.95
CA GLY A 361 8.85 -1.80 -28.78
C GLY A 361 9.28 -2.75 -29.89
N GLU A 362 10.57 -2.79 -30.19
CA GLU A 362 11.11 -3.73 -31.17
C GLU A 362 10.53 -3.46 -32.55
N GLY A 363 10.16 -2.19 -32.79
CA GLY A 363 9.55 -1.75 -34.04
C GLY A 363 8.07 -1.93 -34.11
N LEU A 364 7.48 -2.62 -33.14
CA LEU A 364 6.06 -2.92 -33.16
C LEU A 364 5.28 -1.78 -32.50
N GLU A 365 4.00 -1.69 -32.85
CA GLU A 365 3.16 -0.62 -32.34
C GLU A 365 2.55 -0.90 -30.96
N TRP A 366 2.08 -2.12 -30.73
CA TRP A 366 1.30 -2.50 -29.55
C TRP A 366 2.03 -3.57 -28.75
N GLY A 367 1.87 -3.53 -27.42
CA GLY A 367 2.52 -4.51 -26.58
C GLY A 367 1.79 -4.65 -25.26
N VAL A 368 2.35 -5.47 -24.37
CA VAL A 368 1.72 -5.74 -23.09
C VAL A 368 2.80 -5.97 -22.04
N VAL A 369 2.49 -5.49 -20.83
CA VAL A 369 3.22 -5.85 -19.62
C VAL A 369 2.35 -6.83 -18.83
N ILE A 370 2.93 -7.95 -18.41
CA ILE A 370 2.23 -9.00 -17.65
C ILE A 370 2.91 -9.14 -16.30
N GLY A 371 2.24 -8.69 -15.24
CA GLY A 371 2.70 -8.94 -13.88
C GLY A 371 1.91 -10.08 -13.28
N ILE A 372 2.60 -10.95 -12.54
CA ILE A 372 2.05 -12.18 -11.98
C ILE A 372 2.51 -12.28 -10.53
N GLY A 373 1.56 -12.41 -9.58
CA GLY A 373 1.91 -12.51 -8.18
C GLY A 373 0.85 -13.17 -7.33
N PRO A 374 0.89 -12.93 -6.01
CA PRO A 374 -0.02 -13.65 -5.11
C PRO A 374 -1.48 -13.49 -5.47
N GLY A 375 -2.20 -14.59 -5.36
CA GLY A 375 -3.61 -14.64 -5.63
C GLY A 375 -4.11 -15.97 -6.15
N LEU A 376 -3.54 -16.45 -7.25
CA LEU A 376 -2.59 -15.76 -8.14
C LEU A 376 -3.30 -14.58 -8.79
N THR A 377 -2.62 -13.44 -8.80
CA THR A 377 -3.14 -12.21 -9.40
C THR A 377 -2.29 -11.88 -10.61
N VAL A 378 -2.95 -11.54 -11.72
CA VAL A 378 -2.29 -11.12 -12.94
C VAL A 378 -2.79 -9.71 -13.26
N GLU A 379 -1.88 -8.75 -13.39
CA GLU A 379 -2.25 -7.44 -13.90
C GLU A 379 -1.55 -7.23 -15.24
N THR A 380 -2.33 -6.87 -16.24
CA THR A 380 -1.80 -6.56 -17.55
C THR A 380 -1.96 -5.08 -17.84
N ALA A 381 -0.99 -4.52 -18.58
CA ALA A 381 -1.07 -3.16 -19.08
C ALA A 381 -0.76 -3.19 -20.56
N VAL A 382 -1.72 -2.76 -21.37
CA VAL A 382 -1.52 -2.65 -22.79
C VAL A 382 -0.80 -1.35 -23.06
N LEU A 383 0.28 -1.42 -23.85
CA LEU A 383 1.14 -0.28 -24.16
C LEU A 383 1.12 -0.06 -25.66
N ARG A 384 1.34 1.17 -26.06
CA ARG A 384 1.82 1.49 -27.41
C ARG A 384 3.26 1.95 -27.28
N SER A 385 4.06 1.59 -28.27
CA SER A 385 5.41 2.09 -28.34
C SER A 385 5.41 3.52 -28.83
N GLU A 386 6.62 4.09 -28.94
CA GLU A 386 6.82 5.42 -29.46
C GLU A 386 8.02 5.41 -30.40
N SER A 387 8.07 6.40 -31.28
CA SER A 387 9.21 6.54 -32.16
C SER A 387 10.46 6.87 -31.37
N ILE A 388 11.58 6.35 -31.86
CA ILE A 388 12.89 6.59 -31.26
C ILE A 388 13.35 7.98 -31.67
N ARG A 389 13.44 8.89 -30.70
CA ARG A 389 13.68 10.31 -30.93
C ARG A 389 14.29 10.90 -29.65
N CYS A 390 15.23 11.83 -29.83
CA CYS A 390 15.91 12.56 -28.75
C CYS A 390 16.03 11.91 -27.37
N GLN B 12 -20.07 14.44 -12.94
CA GLN B 12 -18.74 15.00 -13.17
C GLN B 12 -17.79 14.56 -12.06
N HIS B 13 -17.81 15.19 -10.89
CA HIS B 13 -16.88 14.79 -9.84
C HIS B 13 -17.33 13.50 -9.16
N ALA B 14 -16.35 12.76 -8.67
CA ALA B 14 -16.60 11.61 -7.84
C ALA B 14 -17.43 11.98 -6.62
N LYS B 15 -18.39 11.11 -6.31
CA LYS B 15 -19.31 11.28 -5.19
C LYS B 15 -19.20 10.10 -4.25
N ILE B 16 -19.34 10.39 -2.96
CA ILE B 16 -19.58 9.33 -1.98
C ILE B 16 -21.06 8.98 -2.06
N LEU B 17 -21.36 7.71 -2.36
CA LEU B 17 -22.72 7.24 -2.58
C LEU B 17 -23.28 6.47 -1.40
N ALA B 18 -22.44 6.10 -0.45
CA ALA B 18 -22.85 5.32 0.72
C ALA B 18 -21.69 5.26 1.69
N ILE B 19 -22.04 5.12 2.98
CA ILE B 19 -21.09 4.93 4.06
C ILE B 19 -21.66 3.89 5.02
N GLY B 20 -20.85 2.89 5.35
CA GLY B 20 -21.19 1.94 6.39
C GLY B 20 -20.05 1.82 7.39
N THR B 21 -20.40 1.38 8.61
CA THR B 21 -19.40 1.25 9.67
C THR B 21 -19.66 0.00 10.49
N ALA B 22 -18.62 -0.45 11.18
CA ALA B 22 -18.67 -1.64 12.00
C ALA B 22 -17.62 -1.56 13.10
N ASN B 23 -17.87 -2.26 14.21
CA ASN B 23 -16.95 -2.32 15.32
C ASN B 23 -17.01 -3.70 15.95
N PRO B 24 -15.93 -4.14 16.58
CA PRO B 24 -15.98 -5.39 17.36
C PRO B 24 -17.03 -5.28 18.45
N PRO B 25 -17.50 -6.41 18.95
CA PRO B 25 -18.64 -6.39 19.88
C PRO B 25 -18.29 -6.03 21.33
N ASN B 26 -17.02 -6.06 21.71
CA ASN B 26 -16.64 -5.88 23.11
C ASN B 26 -16.46 -4.40 23.41
N VAL B 27 -17.22 -3.89 24.36
CA VAL B 27 -17.21 -2.47 24.69
CA VAL B 27 -17.22 -2.47 24.71
C VAL B 27 -16.39 -2.28 25.95
N TYR B 28 -15.42 -1.35 25.88
CA TYR B 28 -14.54 -1.02 26.98
C TYR B 28 -14.84 0.41 27.36
N HIS B 29 -15.60 0.59 28.44
CA HIS B 29 -15.85 1.94 28.95
C HIS B 29 -14.58 2.48 29.59
N GLN B 30 -14.24 3.72 29.25
CA GLN B 30 -12.97 4.28 29.69
C GLN B 30 -12.90 4.31 31.20
N LYS B 31 -14.02 4.54 31.87
CA LYS B 31 -13.98 4.58 33.33
C LYS B 31 -13.42 3.28 33.90
N ASP B 32 -13.60 2.15 33.20
CA ASP B 32 -13.15 0.84 33.67
C ASP B 32 -11.82 0.40 33.05
N TYR B 33 -11.29 1.14 32.09
CA TYR B 33 -10.17 0.60 31.34
C TYR B 33 -8.88 0.56 32.16
N PRO B 34 -8.55 1.59 32.96
CA PRO B 34 -7.34 1.47 33.80
C PRO B 34 -7.34 0.25 34.70
N ASP B 35 -8.47 -0.07 35.34
CA ASP B 35 -8.52 -1.27 36.17
C ASP B 35 -8.29 -2.51 35.33
N PHE B 36 -8.95 -2.59 34.17
CA PHE B 36 -8.76 -3.73 33.28
C PHE B 36 -7.31 -3.87 32.86
N LEU B 37 -6.72 -2.79 32.34
CA LEU B 37 -5.36 -2.84 31.79
C LEU B 37 -4.37 -3.30 32.84
N PHE B 38 -4.43 -2.70 34.03
CA PHE B 38 -3.41 -2.97 35.03
C PHE B 38 -3.60 -4.34 35.65
N ARG B 39 -4.85 -4.82 35.73
CA ARG B 39 -5.10 -6.17 36.23
C ARG B 39 -4.61 -7.23 35.25
N VAL B 40 -5.08 -7.17 33.99
CA VAL B 40 -4.79 -8.25 33.05
C VAL B 40 -3.33 -8.26 32.62
N THR B 41 -2.60 -7.14 32.71
CA THR B 41 -1.17 -7.14 32.40
C THR B 41 -0.30 -7.32 33.64
N LYS B 42 -0.90 -7.59 34.80
CA LYS B 42 -0.15 -7.88 36.04
C LYS B 42 0.74 -6.71 36.46
N ASN B 43 0.20 -5.49 36.39
CA ASN B 43 0.95 -4.28 36.72
C ASN B 43 0.33 -3.49 37.87
N GLU B 44 -0.46 -4.14 38.72
CA GLU B 44 -1.14 -3.39 39.78
C GLU B 44 -0.15 -2.81 40.79
N HIS B 45 1.08 -3.33 40.86
CA HIS B 45 2.07 -2.79 41.78
C HIS B 45 2.64 -1.46 41.31
N ARG B 46 2.49 -1.10 40.03
CA ARG B 46 3.02 0.15 39.49
C ARG B 46 2.00 1.28 39.67
N THR B 47 1.89 1.76 40.91
CA THR B 47 0.94 2.83 41.21
C THR B 47 1.36 4.14 40.56
N ASP B 48 2.66 4.32 40.35
CA ASP B 48 3.12 5.50 39.64
C ASP B 48 2.57 5.51 38.21
N LEU B 49 2.67 4.37 37.52
CA LEU B 49 2.15 4.28 36.16
C LEU B 49 0.63 4.37 36.15
N ARG B 50 -0.03 3.77 37.14
CA ARG B 50 -1.48 3.84 37.24
C ARG B 50 -1.94 5.30 37.38
N GLU B 51 -1.24 6.06 38.21
CA GLU B 51 -1.56 7.48 38.36
C GLU B 51 -1.44 8.20 37.03
N LYS B 52 -0.35 7.97 36.31
CA LYS B 52 -0.19 8.63 35.02
C LYS B 52 -1.29 8.21 34.05
N PHE B 53 -1.63 6.92 34.04
CA PHE B 53 -2.64 6.44 33.10
C PHE B 53 -4.02 7.01 33.44
N ASP B 54 -4.37 7.06 34.74
CA ASP B 54 -5.62 7.70 35.14
C ASP B 54 -5.70 9.13 34.61
N ARG B 55 -4.60 9.87 34.70
CA ARG B 55 -4.60 11.27 34.26
CA ARG B 55 -4.60 11.27 34.26
C ARG B 55 -4.85 11.36 32.76
N ILE B 56 -4.17 10.52 31.98
CA ILE B 56 -4.30 10.53 30.53
C ILE B 56 -5.72 10.17 30.13
N CYS B 57 -6.28 9.13 30.74
CA CYS B 57 -7.65 8.75 30.43
C CYS B 57 -8.62 9.88 30.76
N GLU B 58 -8.38 10.60 31.85
CA GLU B 58 -9.29 11.66 32.25
C GLU B 58 -9.32 12.77 31.21
N LYS B 59 -8.19 12.99 30.53
CA LYS B 59 -8.06 14.01 29.50
C LYS B 59 -8.38 13.51 28.11
N SER B 60 -8.62 12.20 27.96
CA SER B 60 -8.76 11.58 26.63
C SER B 60 -9.98 12.05 25.86
N ARG B 61 -11.04 12.51 26.56
CA ARG B 61 -12.30 12.85 25.92
C ARG B 61 -12.88 11.64 25.17
N THR B 62 -12.50 10.46 25.62
CA THR B 62 -12.95 9.20 25.07
C THR B 62 -13.73 8.46 26.16
N LYS B 63 -15.00 8.21 25.90
CA LYS B 63 -15.87 7.60 26.91
C LYS B 63 -15.89 6.09 26.79
N LYS B 64 -15.73 5.54 25.59
CA LYS B 64 -15.73 4.11 25.41
C LYS B 64 -15.09 3.80 24.07
N ARG B 65 -14.69 2.55 23.92
CA ARG B 65 -14.06 2.04 22.71
C ARG B 65 -14.52 0.61 22.49
N TYR B 66 -14.52 0.17 21.24
CA TYR B 66 -14.79 -1.21 20.88
C TYR B 66 -13.48 -1.87 20.52
N LEU B 67 -13.23 -3.06 21.07
CA LEU B 67 -11.98 -3.78 20.83
C LEU B 67 -12.23 -5.26 20.59
N HIS B 68 -11.50 -5.82 19.62
CA HIS B 68 -11.52 -7.26 19.42
C HIS B 68 -10.83 -7.99 20.57
N LEU B 69 -9.75 -7.41 21.09
CA LEU B 69 -8.95 -8.00 22.15
C LEU B 69 -9.81 -8.29 23.38
N THR B 70 -9.58 -9.45 23.99
CA THR B 70 -10.26 -9.85 25.22
C THR B 70 -9.22 -10.31 26.24
N GLU B 71 -9.66 -10.38 27.50
CA GLU B 71 -8.79 -10.89 28.56
C GLU B 71 -8.35 -12.31 28.27
N GLU B 72 -9.26 -13.14 27.75
CA GLU B 72 -8.92 -14.53 27.47
C GLU B 72 -7.80 -14.61 26.44
N MET B 73 -7.81 -13.72 25.44
CA MET B 73 -6.74 -13.72 24.45
C MET B 73 -5.40 -13.41 25.09
N LEU B 74 -5.38 -12.46 26.03
CA LEU B 74 -4.16 -12.09 26.71
C LEU B 74 -3.67 -13.22 27.61
N LYS B 75 -4.60 -13.91 28.28
CA LYS B 75 -4.22 -15.05 29.09
C LYS B 75 -3.61 -16.15 28.25
N ALA B 76 -4.20 -16.41 27.08
CA ALA B 76 -3.69 -17.43 26.18
C ALA B 76 -2.38 -17.02 25.52
N ASN B 77 -2.11 -15.71 25.41
CA ASN B 77 -0.92 -15.21 24.72
C ASN B 77 -0.26 -14.12 25.54
N PRO B 78 0.30 -14.48 26.69
CA PRO B 78 0.85 -13.46 27.59
C PRO B 78 2.04 -12.70 27.01
N ASN B 79 2.68 -13.21 25.96
CA ASN B 79 3.71 -12.42 25.31
CA ASN B 79 3.71 -12.42 25.31
C ASN B 79 3.15 -11.10 24.79
N ILE B 80 1.84 -11.03 24.53
CA ILE B 80 1.27 -9.81 23.99
C ILE B 80 1.36 -8.66 24.98
N TYR B 81 1.29 -8.93 26.30
CA TYR B 81 1.43 -7.87 27.29
C TYR B 81 2.77 -7.86 28.00
N THR B 82 3.70 -8.72 27.61
CA THR B 82 5.07 -8.74 28.13
C THR B 82 5.92 -7.86 27.24
N TYR B 83 6.27 -6.67 27.72
CA TYR B 83 6.87 -5.68 26.85
C TYR B 83 8.12 -6.22 26.16
N GLY B 84 8.13 -6.13 24.83
CA GLY B 84 9.30 -6.52 24.05
C GLY B 84 9.39 -7.98 23.69
N ALA B 85 8.53 -8.82 24.24
CA ALA B 85 8.58 -10.23 23.95
C ALA B 85 8.19 -10.50 22.49
N PRO B 86 8.73 -11.55 21.89
CA PRO B 86 8.29 -11.92 20.53
C PRO B 86 6.81 -12.27 20.53
N SER B 87 6.06 -11.55 19.67
CA SER B 87 4.61 -11.72 19.64
C SER B 87 4.01 -11.37 18.29
N LEU B 88 4.81 -10.97 17.29
CA LEU B 88 4.21 -10.56 16.02
C LEU B 88 3.42 -11.70 15.39
N ASP B 89 3.90 -12.94 15.52
CA ASP B 89 3.24 -14.02 14.81
C ASP B 89 1.82 -14.23 15.33
N VAL B 90 1.62 -14.25 16.65
CA VAL B 90 0.27 -14.43 17.18
CA VAL B 90 0.27 -14.43 17.17
C VAL B 90 -0.61 -13.24 16.85
N ARG B 91 -0.04 -12.02 16.90
CA ARG B 91 -0.84 -10.84 16.57
C ARG B 91 -1.30 -10.91 15.13
N GLN B 92 -0.40 -11.32 14.22
CA GLN B 92 -0.75 -11.38 12.80
C GLN B 92 -1.76 -12.48 12.53
N ASP B 93 -1.63 -13.59 13.24
CA ASP B 93 -2.58 -14.68 13.02
C ASP B 93 -3.99 -14.22 13.35
N ILE B 94 -4.13 -13.35 14.35
CA ILE B 94 -5.43 -12.77 14.69
C ILE B 94 -5.83 -11.73 13.66
N CYS B 95 -4.95 -10.78 13.40
CA CYS B 95 -5.41 -9.58 12.69
C CYS B 95 -5.58 -9.84 11.21
N ASN B 96 -4.75 -10.71 10.62
CA ASN B 96 -4.94 -11.05 9.22
C ASN B 96 -6.31 -11.69 8.95
N ILE B 97 -6.93 -12.29 9.96
CA ILE B 97 -8.30 -12.83 9.85
C ILE B 97 -9.34 -11.78 10.21
N GLU B 98 -9.13 -11.09 11.33
CA GLU B 98 -10.15 -10.22 11.89
C GLU B 98 -10.31 -8.90 11.13
N VAL B 99 -9.26 -8.39 10.50
CA VAL B 99 -9.34 -7.12 9.79
C VAL B 99 -10.26 -7.31 8.58
N PRO B 100 -10.08 -8.33 7.73
CA PRO B 100 -11.04 -8.48 6.62
C PRO B 100 -12.47 -8.76 7.05
N LYS B 101 -12.65 -9.52 8.13
CA LYS B 101 -13.99 -9.81 8.62
CA LYS B 101 -13.99 -9.81 8.62
C LYS B 101 -14.72 -8.54 9.06
N LEU B 102 -14.04 -7.68 9.81
CA LEU B 102 -14.66 -6.45 10.24
C LEU B 102 -14.92 -5.54 9.04
N GLY B 103 -13.98 -5.50 8.10
CA GLY B 103 -14.22 -4.75 6.89
C GLY B 103 -15.41 -5.26 6.10
N GLN B 104 -15.59 -6.59 6.06
CA GLN B 104 -16.76 -7.15 5.39
C GLN B 104 -18.06 -6.63 6.00
N GLU B 105 -18.14 -6.57 7.33
CA GLU B 105 -19.36 -6.09 7.96
C GLU B 105 -19.67 -4.67 7.53
N ALA B 106 -18.65 -3.78 7.53
CA ALA B 106 -18.87 -2.40 7.08
C ALA B 106 -19.26 -2.35 5.62
N ALA B 107 -18.56 -3.16 4.80
CA ALA B 107 -18.83 -3.13 3.36
C ALA B 107 -20.24 -3.56 3.04
N LEU B 108 -20.75 -4.61 3.72
CA LEU B 108 -22.13 -5.02 3.47
C LEU B 108 -23.12 -3.91 3.81
N LYS B 109 -22.85 -3.14 4.86
CA LYS B 109 -23.70 -2.01 5.20
C LYS B 109 -23.62 -0.93 4.13
N ALA B 110 -22.43 -0.60 3.65
CA ALA B 110 -22.34 0.40 2.60
C ALA B 110 -23.04 -0.07 1.34
N ILE B 111 -22.86 -1.34 0.98
CA ILE B 111 -23.44 -1.88 -0.23
C ILE B 111 -24.96 -1.86 -0.13
N LYS B 112 -25.49 -2.18 1.05
CA LYS B 112 -26.94 -2.09 1.23
C LYS B 112 -27.43 -0.68 0.96
N GLU B 113 -26.82 0.31 1.60
CA GLU B 113 -27.24 1.70 1.38
C GLU B 113 -27.20 2.06 -0.09
N TRP B 114 -26.10 1.69 -0.77
CA TRP B 114 -25.92 2.00 -2.17
C TRP B 114 -27.02 1.38 -3.02
N GLY B 115 -27.35 0.12 -2.75
CA GLY B 115 -28.51 -0.52 -3.33
C GLY B 115 -28.30 -1.15 -4.67
N GLN B 116 -27.07 -1.23 -5.14
CA GLN B 116 -26.69 -1.88 -6.37
C GLN B 116 -26.09 -3.24 -6.11
N PRO B 117 -26.02 -4.10 -7.12
CA PRO B 117 -25.41 -5.40 -6.94
C PRO B 117 -23.91 -5.32 -6.67
N ILE B 118 -23.42 -6.24 -5.85
CA ILE B 118 -21.98 -6.38 -5.62
C ILE B 118 -21.24 -6.51 -6.94
N SER B 119 -21.84 -7.18 -7.92
CA SER B 119 -21.18 -7.35 -9.22
C SER B 119 -20.93 -6.04 -9.95
N ARG B 120 -21.54 -4.94 -9.52
CA ARG B 120 -21.35 -3.63 -10.14
C ARG B 120 -20.07 -2.94 -9.66
N ILE B 121 -19.46 -3.44 -8.58
CA ILE B 121 -18.24 -2.85 -8.07
C ILE B 121 -17.10 -3.19 -9.01
N THR B 122 -16.38 -2.18 -9.47
CA THR B 122 -15.28 -2.38 -10.41
C THR B 122 -13.90 -2.25 -9.77
N HIS B 123 -13.82 -1.57 -8.63
CA HIS B 123 -12.56 -1.22 -7.98
C HIS B 123 -12.71 -1.45 -6.50
N LEU B 124 -11.64 -1.89 -5.87
CA LEU B 124 -11.59 -2.05 -4.42
C LEU B 124 -10.35 -1.39 -3.88
N ILE B 125 -10.51 -0.55 -2.88
CA ILE B 125 -9.39 -0.04 -2.10
C ILE B 125 -9.58 -0.59 -0.69
N PHE B 126 -8.57 -1.32 -0.20
CA PHE B 126 -8.56 -1.79 1.18
C PHE B 126 -7.39 -1.10 1.88
N CYS B 127 -7.63 -0.60 3.08
CA CYS B 127 -6.64 0.15 3.84
C CYS B 127 -6.62 -0.35 5.27
N THR B 128 -5.45 -0.73 5.75
CA THR B 128 -5.27 -1.12 7.15
C THR B 128 -3.83 -0.90 7.57
N ALA B 129 -3.65 -0.44 8.81
CA ALA B 129 -2.34 -0.36 9.43
C ALA B 129 -2.18 -1.37 10.54
N SER B 130 -3.04 -2.41 10.58
CA SER B 130 -3.12 -3.34 11.68
C SER B 130 -2.55 -4.71 11.36
N CYS B 131 -2.14 -4.96 10.12
CA CYS B 131 -1.65 -6.27 9.71
C CYS B 131 -1.02 -6.11 8.34
N VAL B 132 -0.41 -7.18 7.86
CA VAL B 132 0.14 -7.24 6.51
C VAL B 132 0.37 -8.71 6.15
N ASP B 133 0.02 -9.08 4.92
CA ASP B 133 0.06 -10.46 4.45
C ASP B 133 0.00 -10.48 2.93
N MET B 134 0.43 -11.57 2.33
CA MET B 134 0.40 -11.71 0.85
C MET B 134 -0.15 -13.09 0.52
N PRO B 135 -1.27 -13.21 -0.20
CA PRO B 135 -2.20 -12.18 -0.65
C PRO B 135 -2.72 -11.36 0.53
N GLY B 136 -3.24 -10.19 0.22
CA GLY B 136 -3.57 -9.20 1.23
C GLY B 136 -5.03 -9.20 1.62
N CYS B 137 -5.39 -8.20 2.43
CA CYS B 137 -6.76 -8.09 2.94
C CYS B 137 -7.75 -7.89 1.81
N ASP B 138 -7.32 -7.17 0.78
CA ASP B 138 -8.17 -6.95 -0.39
C ASP B 138 -8.58 -8.29 -1.01
N PHE B 139 -7.60 -9.19 -1.18
CA PHE B 139 -7.91 -10.53 -1.68
C PHE B 139 -8.89 -11.25 -0.77
N GLN B 140 -8.64 -11.23 0.54
CA GLN B 140 -9.54 -11.91 1.47
C GLN B 140 -10.95 -11.34 1.40
N LEU B 141 -11.07 -10.02 1.26
CA LEU B 141 -12.39 -9.40 1.19
C LEU B 141 -13.11 -9.77 -0.10
N ILE B 142 -12.37 -9.87 -1.21
CA ILE B 142 -12.97 -10.34 -2.46
C ILE B 142 -13.61 -11.69 -2.25
N LYS B 143 -12.92 -12.61 -1.56
CA LYS B 143 -13.51 -13.92 -1.28
C LYS B 143 -14.75 -13.80 -0.39
N LEU B 144 -14.65 -13.02 0.69
CA LEU B 144 -15.75 -12.91 1.64
C LEU B 144 -16.99 -12.33 1.00
N LEU B 145 -16.84 -11.28 0.18
CA LEU B 145 -17.99 -10.62 -0.41
C LEU B 145 -18.45 -11.24 -1.71
N GLY B 146 -17.60 -12.04 -2.36
CA GLY B 146 -17.91 -12.48 -3.71
C GLY B 146 -17.77 -11.38 -4.75
N LEU B 147 -16.81 -10.48 -4.56
CA LEU B 147 -16.51 -9.48 -5.56
C LEU B 147 -16.05 -10.15 -6.85
N ASP B 148 -16.30 -9.49 -7.97
CA ASP B 148 -15.77 -9.95 -9.25
C ASP B 148 -14.27 -10.21 -9.14
N PRO B 149 -13.78 -11.37 -9.60
CA PRO B 149 -12.34 -11.64 -9.48
C PRO B 149 -11.49 -10.69 -10.27
N SER B 150 -12.06 -9.90 -11.18
N SER B 150 -12.06 -9.91 -11.18
CA SER B 150 -11.31 -8.91 -11.95
CA SER B 150 -11.33 -8.92 -11.96
C SER B 150 -11.51 -7.50 -11.42
C SER B 150 -11.50 -7.51 -11.41
N VAL B 151 -11.96 -7.35 -10.17
CA VAL B 151 -11.97 -6.00 -9.59
C VAL B 151 -10.54 -5.46 -9.61
N THR B 152 -10.41 -4.15 -9.83
CA THR B 152 -9.12 -3.46 -9.87
C THR B 152 -8.81 -2.98 -8.45
N ARG B 153 -7.71 -3.47 -7.89
CA ARG B 153 -7.47 -3.35 -6.47
C ARG B 153 -6.31 -2.43 -6.11
N THR B 154 -6.46 -1.75 -4.96
CA THR B 154 -5.42 -0.92 -4.36
C THR B 154 -5.38 -1.31 -2.90
N MET B 155 -4.25 -1.82 -2.43
CA MET B 155 -4.13 -2.36 -1.08
C MET B 155 -3.12 -1.49 -0.35
N ILE B 156 -3.65 -0.68 0.59
CA ILE B 156 -2.91 0.36 1.30
C ILE B 156 -2.59 -0.19 2.69
N TYR B 157 -1.35 -0.63 2.87
CA TYR B 157 -0.88 -1.17 4.15
C TYR B 157 -0.04 -0.14 4.87
N GLU B 158 -0.27 0.00 6.17
CA GLU B 158 0.60 0.77 7.08
C GLU B 158 0.85 2.22 6.63
N ALA B 159 -0.21 2.87 6.10
CA ALA B 159 -0.14 4.30 5.89
C ALA B 159 -0.34 5.07 7.20
N GLY B 160 -1.36 4.71 7.96
CA GLY B 160 -1.63 5.39 9.20
C GLY B 160 -2.71 6.44 9.09
N CSD B 161 -2.73 7.33 10.08
CA CSD B 161 -3.94 8.05 10.35
CB CSD B 161 -3.90 8.58 11.78
SG CSD B 161 -4.27 7.33 12.98
C CSD B 161 -4.34 9.17 9.41
O CSD B 161 -5.38 9.78 9.61
OD1 CSD B 161 -3.04 6.59 13.02
OD2 CSD B 161 -4.17 8.29 14.37
H CSD B 161 -2.09 7.34 10.85
HA CSD B 161 -4.79 7.31 10.21
HB2 CSD B 161 -2.88 9.01 11.98
HB3 CSD B 161 -4.62 9.44 11.87
N TYR B 162 -3.56 9.43 8.36
CA TYR B 162 -4.03 10.38 7.34
C TYR B 162 -4.86 9.68 6.26
N ALA B 163 -4.86 8.36 6.27
CA ALA B 163 -5.34 7.61 5.12
C ALA B 163 -6.85 7.63 4.93
N GLY B 164 -7.63 8.04 5.92
CA GLY B 164 -9.07 8.17 5.67
C GLY B 164 -9.36 9.20 4.61
N ALA B 165 -8.48 10.22 4.51
CA ALA B 165 -8.59 11.21 3.44
C ALA B 165 -7.91 10.69 2.17
N THR B 166 -6.76 10.05 2.32
CA THR B 166 -6.02 9.49 1.18
C THR B 166 -6.88 8.54 0.36
N VAL B 167 -7.64 7.65 1.01
CA VAL B 167 -8.39 6.67 0.21
C VAL B 167 -9.51 7.35 -0.59
N LEU B 168 -10.03 8.48 -0.10
CA LEU B 168 -11.02 9.23 -0.87
C LEU B 168 -10.37 9.86 -2.09
N ARG B 169 -9.12 10.34 -1.94
CA ARG B 169 -8.38 10.93 -3.05
C ARG B 169 -8.12 9.91 -4.14
N MET B 170 -7.65 8.74 -3.74
CA MET B 170 -7.43 7.62 -4.67
C MET B 170 -8.73 7.22 -5.34
N ALA B 171 -9.80 7.02 -4.55
CA ALA B 171 -11.08 6.65 -5.15
C ALA B 171 -11.56 7.70 -6.13
N LYS B 172 -11.32 8.98 -5.84
CA LYS B 172 -11.76 10.03 -6.76
C LYS B 172 -11.09 9.85 -8.12
N ASP B 173 -9.77 9.66 -8.14
CA ASP B 173 -9.09 9.50 -9.42
C ASP B 173 -9.55 8.24 -10.16
N PHE B 174 -9.74 7.12 -9.43
CA PHE B 174 -10.15 5.91 -10.13
C PHE B 174 -11.56 6.06 -10.67
N ALA B 175 -12.45 6.70 -9.91
CA ALA B 175 -13.84 6.85 -10.34
C ALA B 175 -13.96 7.86 -11.48
N GLU B 176 -13.17 8.93 -11.44
CA GLU B 176 -13.30 9.99 -12.44
C GLU B 176 -12.60 9.60 -13.74
N ASN B 177 -11.55 8.76 -13.70
CA ASN B 177 -10.86 8.42 -14.93
C ASN B 177 -11.37 7.18 -15.62
N ASN B 178 -12.31 6.44 -15.01
CA ASN B 178 -12.83 5.21 -15.57
C ASN B 178 -14.34 5.31 -15.63
N LYS B 179 -14.87 5.56 -16.83
CA LYS B 179 -16.32 5.76 -16.99
C LYS B 179 -17.08 4.57 -16.41
N GLY B 180 -18.06 4.89 -15.56
CA GLY B 180 -18.88 3.89 -14.93
C GLY B 180 -18.27 3.19 -13.73
N ALA B 181 -17.03 3.50 -13.37
CA ALA B 181 -16.40 2.79 -12.28
C ALA B 181 -17.15 3.03 -10.97
N ARG B 182 -17.19 1.99 -10.15
CA ARG B 182 -17.77 2.09 -8.81
C ARG B 182 -16.77 1.50 -7.84
N VAL B 183 -16.27 2.34 -6.93
CA VAL B 183 -15.15 1.98 -6.07
C VAL B 183 -15.67 1.66 -4.70
N LEU B 184 -15.39 0.45 -4.20
CA LEU B 184 -15.62 0.13 -2.80
C LEU B 184 -14.33 0.45 -2.07
N VAL B 185 -14.42 1.29 -1.05
CA VAL B 185 -13.32 1.64 -0.16
C VAL B 185 -13.59 1.07 1.21
N VAL B 186 -12.65 0.30 1.74
CA VAL B 186 -12.81 -0.30 3.06
C VAL B 186 -11.57 0.00 3.88
N CYS B 187 -11.76 0.62 5.04
CA CYS B 187 -10.70 0.85 6.01
C CYS B 187 -11.04 0.07 7.26
N ALA B 188 -10.11 -0.72 7.78
CA ALA B 188 -10.41 -1.53 8.93
C ALA B 188 -9.20 -1.65 9.84
N GLU B 189 -9.43 -1.52 11.14
CA GLU B 189 -8.37 -1.56 12.13
C GLU B 189 -8.74 -2.43 13.32
N ILE B 190 -7.78 -3.29 13.69
CA ILE B 190 -7.85 -4.12 14.89
C ILE B 190 -6.54 -3.90 15.64
N THR B 191 -6.62 -3.20 16.78
CA THR B 191 -5.42 -2.70 17.44
C THR B 191 -4.71 -3.75 18.30
N THR B 192 -5.13 -5.00 18.22
CA THR B 192 -4.41 -6.08 18.89
C THR B 192 -2.92 -6.05 18.55
N VAL B 193 -2.56 -5.67 17.31
CA VAL B 193 -1.15 -5.65 16.93
C VAL B 193 -0.37 -4.55 17.63
N PHE B 194 -1.05 -3.53 18.13
CA PHE B 194 -0.45 -2.38 18.78
C PHE B 194 -0.43 -2.47 20.31
N PHE B 195 -1.08 -3.46 20.89
CA PHE B 195 -1.18 -3.57 22.35
C PHE B 195 0.19 -3.94 22.93
N HIS B 196 0.67 -3.12 23.86
CA HIS B 196 1.93 -3.40 24.56
C HIS B 196 1.73 -3.15 26.05
N GLY B 197 2.50 -3.88 26.83
CA GLY B 197 2.54 -3.66 28.26
C GLY B 197 3.29 -2.40 28.62
N LEU B 198 3.38 -2.17 29.93
CA LEU B 198 3.80 -0.89 30.47
C LEU B 198 5.22 -0.96 30.99
N THR B 199 6.02 0.03 30.63
CA THR B 199 7.38 0.18 31.14
C THR B 199 7.66 1.66 31.24
N ASP B 200 8.38 2.06 32.29
CA ASP B 200 8.65 3.49 32.47
C ASP B 200 9.64 4.03 31.45
N THR B 201 10.22 3.17 30.61
CA THR B 201 11.11 3.57 29.53
C THR B 201 10.37 3.92 28.23
N HIS B 202 9.09 3.58 28.13
CA HIS B 202 8.32 3.78 26.90
C HIS B 202 6.91 4.24 27.30
N LEU B 203 6.83 5.47 27.79
CA LEU B 203 5.58 6.00 28.29
C LEU B 203 4.60 6.33 27.16
N ASP B 204 5.07 6.31 25.91
CA ASP B 204 4.15 6.54 24.78
C ASP B 204 3.01 5.55 24.80
N ILE B 205 3.28 4.34 25.27
CA ILE B 205 2.29 3.27 25.34
C ILE B 205 1.07 3.68 26.18
N LEU B 206 1.28 4.50 27.20
CA LEU B 206 0.13 4.94 28.01
C LEU B 206 -0.86 5.75 27.17
N VAL B 207 -0.37 6.53 26.21
CA VAL B 207 -1.25 7.34 25.38
C VAL B 207 -2.01 6.44 24.41
N GLY B 208 -1.29 5.53 23.74
CA GLY B 208 -1.94 4.60 22.84
C GLY B 208 -2.97 3.75 23.57
N GLN B 209 -2.63 3.31 24.79
CA GLN B 209 -3.53 2.47 25.55
C GLN B 209 -4.81 3.20 25.91
N ALA B 210 -4.76 4.52 25.96
CA ALA B 210 -5.92 5.31 26.32
C ALA B 210 -6.78 5.65 25.11
N LEU B 211 -6.19 5.77 23.92
CA LEU B 211 -6.89 6.37 22.80
C LEU B 211 -7.20 5.41 21.66
N PHE B 212 -6.37 4.41 21.41
CA PHE B 212 -6.50 3.63 20.18
C PHE B 212 -7.68 2.66 20.30
N ALA B 213 -8.38 2.47 19.18
CA ALA B 213 -9.60 1.68 19.21
C ALA B 213 -9.79 0.97 17.87
N ASP B 214 -10.78 0.07 17.82
CA ASP B 214 -11.03 -0.75 16.65
C ASP B 214 -12.31 -0.33 15.93
N GLY B 215 -12.30 -0.53 14.62
CA GLY B 215 -13.41 -0.15 13.78
C GLY B 215 -13.11 -0.30 12.31
N ALA B 216 -14.14 -0.30 11.50
CA ALA B 216 -14.02 -0.32 10.07
C ALA B 216 -15.08 0.57 9.44
N SER B 217 -14.72 1.12 8.30
CA SER B 217 -15.59 1.94 7.47
C SER B 217 -15.60 1.37 6.09
N ALA B 218 -16.70 1.62 5.38
CA ALA B 218 -16.75 1.34 3.95
C ALA B 218 -17.49 2.48 3.27
N VAL B 219 -16.97 2.88 2.13
CA VAL B 219 -17.51 3.98 1.33
C VAL B 219 -17.62 3.47 -0.10
N ILE B 220 -18.72 3.82 -0.77
CA ILE B 220 -18.86 3.59 -2.21
C ILE B 220 -18.67 4.93 -2.89
N VAL B 221 -17.78 4.98 -3.89
CA VAL B 221 -17.46 6.22 -4.61
C VAL B 221 -17.72 6.00 -6.09
N GLY B 222 -18.42 6.96 -6.71
CA GLY B 222 -18.59 6.90 -8.15
C GLY B 222 -18.91 8.28 -8.69
N ALA B 223 -18.51 8.52 -9.94
CA ALA B 223 -18.93 9.73 -10.62
C ALA B 223 -20.19 9.43 -11.46
N ASN B 224 -20.97 10.48 -11.74
CA ASN B 224 -22.20 10.35 -12.54
C ASN B 224 -23.19 9.37 -11.94
N PRO B 225 -23.69 9.64 -10.74
CA PRO B 225 -24.69 8.75 -10.13
C PRO B 225 -25.94 8.60 -11.00
N GLU B 226 -26.47 7.39 -11.04
CA GLU B 226 -27.67 7.10 -11.82
C GLU B 226 -28.90 7.78 -11.21
N PRO B 227 -29.55 8.71 -11.92
CA PRO B 227 -30.75 9.39 -11.37
C PRO B 227 -31.79 8.40 -10.87
N GLU B 228 -32.26 8.60 -9.65
CA GLU B 228 -33.36 7.82 -9.07
C GLU B 228 -32.93 6.42 -8.63
N ILE B 229 -31.67 6.04 -8.81
CA ILE B 229 -31.16 4.74 -8.38
C ILE B 229 -30.06 4.90 -7.34
N GLU B 230 -29.10 5.76 -7.62
CA GLU B 230 -28.02 6.07 -6.70
C GLU B 230 -28.28 7.48 -6.18
N ARG B 231 -27.77 7.78 -5.00
CA ARG B 231 -27.92 9.13 -4.51
C ARG B 231 -26.64 9.55 -3.78
N PRO B 232 -26.07 10.68 -4.16
CA PRO B 232 -24.83 11.12 -3.52
C PRO B 232 -25.05 11.71 -2.14
N LEU B 233 -24.06 11.46 -1.28
CA LEU B 233 -23.96 12.06 0.04
C LEU B 233 -23.01 13.24 0.10
N PHE B 234 -21.87 13.11 -0.56
CA PHE B 234 -20.86 14.16 -0.62
C PHE B 234 -20.19 14.06 -1.97
N GLU B 235 -19.68 15.20 -2.44
CA GLU B 235 -18.85 15.28 -3.63
C GLU B 235 -17.41 15.47 -3.21
N ILE B 236 -16.49 14.68 -3.79
CA ILE B 236 -15.06 14.83 -3.54
C ILE B 236 -14.47 15.79 -4.58
N VAL B 237 -14.18 17.02 -4.17
CA VAL B 237 -13.87 18.09 -5.13
C VAL B 237 -12.38 18.17 -5.43
N ALA B 238 -11.54 18.19 -4.40
CA ALA B 238 -10.10 18.43 -4.57
C ALA B 238 -9.38 17.92 -3.34
N CYS B 239 -8.13 17.53 -3.51
CA CYS B 239 -7.37 16.92 -2.44
C CYS B 239 -5.94 17.42 -2.45
N ARG B 240 -5.32 17.39 -1.27
CA ARG B 240 -3.91 17.77 -1.13
C ARG B 240 -3.29 16.99 0.00
N GLN B 241 -2.06 16.54 -0.21
CA GLN B 241 -1.25 15.83 0.79
C GLN B 241 0.02 16.61 1.04
N THR B 242 0.41 16.75 2.32
CA THR B 242 1.61 17.52 2.60
C THR B 242 2.29 16.99 3.84
N ILE B 243 3.60 17.24 3.89
CA ILE B 243 4.44 16.89 5.04
C ILE B 243 4.67 18.16 5.86
N LEU B 244 4.37 18.10 7.15
CA LEU B 244 4.57 19.23 8.04
C LEU B 244 6.05 19.35 8.37
N PRO B 245 6.63 20.53 8.23
CA PRO B 245 8.09 20.63 8.39
C PRO B 245 8.54 20.20 9.78
N ASN B 246 9.67 19.50 9.81
CA ASN B 246 10.42 19.28 11.05
C ASN B 246 9.66 18.44 12.07
N SER B 247 8.85 17.47 11.62
CA SER B 247 8.02 16.67 12.51
C SER B 247 8.18 15.16 12.30
N GLU B 248 9.31 14.70 11.77
CA GLU B 248 9.44 13.29 11.40
C GLU B 248 9.24 12.38 12.61
N HIS B 249 9.54 12.87 13.79
CA HIS B 249 9.44 12.16 15.04
C HIS B 249 8.03 12.20 15.61
N GLY B 250 7.09 12.89 14.96
CA GLY B 250 5.75 13.01 15.50
C GLY B 250 5.05 11.71 15.79
N VAL B 251 4.93 10.86 14.76
CA VAL B 251 4.30 9.55 14.89
C VAL B 251 5.14 8.53 14.13
N VAL B 252 5.67 7.54 14.84
CA VAL B 252 6.55 6.53 14.29
C VAL B 252 5.96 5.18 14.67
N VAL B 253 5.86 4.27 13.69
CA VAL B 253 5.47 2.90 13.95
C VAL B 253 6.46 2.00 13.26
N ASN B 254 7.08 1.10 14.01
CA ASN B 254 8.02 0.13 13.49
C ASN B 254 7.39 -1.26 13.59
N ILE B 255 7.49 -2.04 12.52
CA ILE B 255 6.91 -3.37 12.45
C ILE B 255 8.02 -4.33 12.90
N ARG B 256 7.86 -4.91 14.09
CA ARG B 256 8.95 -5.58 14.79
C ARG B 256 8.51 -6.95 15.28
N GLU B 257 9.50 -7.72 15.76
CA GLU B 257 9.20 -9.01 16.37
C GLU B 257 8.25 -8.89 17.55
N MET B 258 8.24 -7.74 18.24
CA MET B 258 7.35 -7.56 19.40
C MET B 258 5.96 -7.07 19.03
N GLY B 259 5.65 -6.94 17.74
CA GLY B 259 4.44 -6.31 17.29
C GLY B 259 4.71 -4.97 16.62
N PHE B 260 3.66 -4.18 16.46
CA PHE B 260 3.78 -2.87 15.85
C PHE B 260 4.05 -1.91 17.00
N ASN B 261 5.29 -1.49 17.12
CA ASN B 261 5.71 -0.63 18.22
C ASN B 261 5.58 0.81 17.74
N TYR B 262 5.29 1.72 18.66
CA TYR B 262 4.97 3.06 18.21
C TYR B 262 5.50 4.08 19.20
N TYR B 263 5.77 5.27 18.67
CA TYR B 263 6.26 6.42 19.41
C TYR B 263 5.43 7.63 19.00
N LEU B 264 5.06 8.45 19.99
CA LEU B 264 4.17 9.59 19.78
C LEU B 264 4.81 10.79 20.46
N SER B 265 5.09 11.83 19.68
CA SER B 265 5.62 13.06 20.25
C SER B 265 4.55 13.89 20.92
N GLY B 266 4.88 14.46 22.07
CA GLY B 266 3.96 15.37 22.71
C GLY B 266 3.71 16.65 21.94
N ASP B 267 4.54 16.95 20.94
CA ASP B 267 4.38 18.16 20.15
C ASP B 267 3.42 17.99 18.98
N VAL B 268 2.87 16.80 18.72
CA VAL B 268 2.04 16.65 17.54
C VAL B 268 0.92 17.68 17.50
N PRO B 269 0.17 17.91 18.58
CA PRO B 269 -0.88 18.93 18.50
C PRO B 269 -0.36 20.29 18.07
N LYS B 270 0.77 20.74 18.61
CA LYS B 270 1.31 22.04 18.25
C LYS B 270 1.72 22.07 16.78
N PHE B 271 2.23 20.96 16.25
CA PHE B 271 2.56 20.91 14.82
C PHE B 271 1.32 21.08 13.97
N VAL B 272 0.25 20.38 14.34
CA VAL B 272 -0.99 20.50 13.58
C VAL B 272 -1.50 21.92 13.64
N GLY B 273 -1.55 22.50 14.84
CA GLY B 273 -2.03 23.88 14.95
C GLY B 273 -1.15 24.87 14.23
N GLY B 274 0.16 24.63 14.22
CA GLY B 274 1.08 25.50 13.53
C GLY B 274 0.96 25.46 12.03
N ASN B 275 0.32 24.43 11.48
CA ASN B 275 0.22 24.28 10.04
C ASN B 275 -1.18 24.35 9.48
N VAL B 276 -2.22 24.33 10.33
CA VAL B 276 -3.56 24.14 9.82
C VAL B 276 -4.01 25.30 8.93
N VAL B 277 -3.69 26.56 9.28
CA VAL B 277 -4.13 27.63 8.40
C VAL B 277 -3.51 27.47 7.01
N ASP B 278 -2.22 27.12 6.97
CA ASP B 278 -1.55 26.92 5.70
C ASP B 278 -2.13 25.74 4.93
N PHE B 279 -2.27 24.57 5.56
CA PHE B 279 -2.72 23.44 4.74
C PHE B 279 -4.17 23.59 4.35
N MET B 280 -4.98 24.28 5.16
CA MET B 280 -6.34 24.60 4.72
C MET B 280 -6.32 25.61 3.57
N THR B 281 -5.51 26.64 3.68
CA THR B 281 -5.50 27.66 2.64
C THR B 281 -5.01 27.07 1.32
N LYS B 282 -3.93 26.30 1.36
CA LYS B 282 -3.39 25.72 0.12
C LYS B 282 -4.35 24.72 -0.49
N THR B 283 -5.13 24.01 0.34
CA THR B 283 -6.12 23.08 -0.19
C THR B 283 -7.25 23.80 -0.90
N PHE B 284 -7.81 24.84 -0.27
CA PHE B 284 -8.94 25.51 -0.91
C PHE B 284 -8.52 26.41 -2.07
N GLU B 285 -7.24 26.74 -2.18
CA GLU B 285 -6.76 27.42 -3.38
C GLU B 285 -6.87 26.55 -4.62
N LYS B 286 -7.00 25.24 -4.47
CA LYS B 286 -7.24 24.36 -5.61
C LYS B 286 -8.66 24.44 -6.12
N VAL B 287 -9.55 25.06 -5.38
CA VAL B 287 -10.94 25.17 -5.76
C VAL B 287 -11.26 26.59 -6.20
N ASP B 288 -10.89 27.56 -5.36
CA ASP B 288 -11.44 28.91 -5.45
C ASP B 288 -10.35 29.91 -5.11
N GLY B 289 -10.31 31.02 -5.84
CA GLY B 289 -9.35 32.06 -5.53
C GLY B 289 -9.75 33.00 -4.42
N LYS B 290 -11.02 32.99 -3.99
CA LYS B 290 -11.41 33.85 -2.88
C LYS B 290 -10.97 33.24 -1.55
N LYS B 291 -10.75 34.11 -0.58
CA LYS B 291 -10.45 33.70 0.78
C LYS B 291 -11.65 32.99 1.37
N LYS B 292 -11.38 31.92 2.11
CA LYS B 292 -12.45 31.16 2.74
C LYS B 292 -12.71 31.68 4.16
N ASP B 293 -13.97 31.63 4.56
CA ASP B 293 -14.36 31.78 5.96
C ASP B 293 -14.42 30.37 6.53
N TRP B 294 -13.54 30.04 7.47
CA TRP B 294 -13.45 28.64 7.92
C TRP B 294 -14.73 28.23 8.63
N ASN B 295 -15.47 29.17 9.22
CA ASN B 295 -16.72 28.79 9.87
C ASN B 295 -17.83 28.49 8.88
N SER B 296 -17.63 28.78 7.59
CA SER B 296 -18.63 28.44 6.59
C SER B 296 -18.53 26.98 6.16
N LEU B 297 -17.56 26.23 6.68
CA LEU B 297 -17.33 24.84 6.32
C LEU B 297 -17.91 23.87 7.33
N PHE B 298 -18.19 22.65 6.87
CA PHE B 298 -18.34 21.50 7.76
C PHE B 298 -17.05 20.70 7.76
N PHE B 299 -16.81 19.99 8.86
CA PHE B 299 -15.50 19.43 9.14
C PHE B 299 -15.59 17.97 9.57
N SER B 300 -14.73 17.14 9.00
CA SER B 300 -14.42 15.84 9.56
C SER B 300 -12.92 15.82 9.83
N VAL B 301 -12.55 15.90 11.10
CA VAL B 301 -11.17 16.02 11.50
C VAL B 301 -10.75 14.72 12.16
N HIS B 302 -9.63 14.15 11.73
CA HIS B 302 -9.15 12.95 12.35
C HIS B 302 -8.82 13.25 13.81
N PRO B 303 -9.52 12.65 14.78
CA PRO B 303 -9.26 12.97 16.20
C PRO B 303 -8.14 12.12 16.77
N GLY B 304 -6.91 12.36 16.33
CA GLY B 304 -5.80 11.55 16.79
C GLY B 304 -5.67 11.59 18.29
N GLY B 305 -6.01 12.73 18.87
CA GLY B 305 -6.28 12.86 20.27
C GLY B 305 -7.08 14.14 20.45
N PRO B 306 -7.59 14.36 21.66
CA PRO B 306 -8.43 15.55 21.87
C PRO B 306 -7.70 16.86 21.61
N ALA B 307 -6.40 16.93 21.91
CA ALA B 307 -5.66 18.17 21.69
C ALA B 307 -5.52 18.50 20.21
N ILE B 308 -5.48 17.50 19.33
CA ILE B 308 -5.44 17.80 17.90
C ILE B 308 -6.72 18.51 17.48
N VAL B 309 -7.87 18.03 17.95
CA VAL B 309 -9.13 18.67 17.63
C VAL B 309 -9.15 20.11 18.14
N ASP B 310 -8.66 20.33 19.36
CA ASP B 310 -8.66 21.66 19.94
C ASP B 310 -7.79 22.60 19.11
N GLN B 311 -6.67 22.08 18.58
CA GLN B 311 -5.76 22.91 17.82
C GLN B 311 -6.39 23.38 16.51
N VAL B 312 -7.11 22.51 15.82
CA VAL B 312 -7.79 22.92 14.58
C VAL B 312 -8.83 23.98 14.90
N GLU B 313 -9.63 23.73 15.94
CA GLU B 313 -10.65 24.69 16.36
C GLU B 313 -10.02 26.05 16.66
N GLU B 314 -8.92 26.05 17.40
CA GLU B 314 -8.33 27.31 17.82
C GLU B 314 -7.74 28.08 16.65
N LYS B 315 -6.86 27.45 15.87
CA LYS B 315 -6.17 28.23 14.86
C LYS B 315 -7.04 28.58 13.65
N LEU B 316 -8.12 27.84 13.41
CA LEU B 316 -9.08 28.26 12.39
C LEU B 316 -10.16 29.18 12.94
N GLY B 317 -10.14 29.45 14.23
CA GLY B 317 -11.12 30.34 14.83
C GLY B 317 -12.53 29.82 14.75
N LEU B 318 -12.71 28.51 14.89
CA LEU B 318 -14.02 27.90 14.74
C LEU B 318 -14.89 28.20 15.94
N LYS B 319 -16.16 28.47 15.67
CA LYS B 319 -17.12 28.74 16.74
C LYS B 319 -17.42 27.49 17.54
N GLU B 320 -17.93 27.71 18.75
CA GLU B 320 -18.38 26.62 19.60
C GLU B 320 -19.32 25.69 18.84
N GLY B 321 -19.06 24.38 18.95
CA GLY B 321 -19.90 23.40 18.33
C GLY B 321 -19.55 23.04 16.91
N LYS B 322 -18.65 23.77 16.27
CA LYS B 322 -18.38 23.47 14.86
C LYS B 322 -17.85 22.03 14.72
N LEU B 323 -17.07 21.56 15.68
CA LEU B 323 -16.45 20.24 15.61
C LEU B 323 -17.23 19.19 16.42
N ARG B 324 -18.53 19.42 16.63
CA ARG B 324 -19.33 18.50 17.44
C ARG B 324 -19.29 17.06 16.91
N ALA B 325 -19.44 16.87 15.60
CA ALA B 325 -19.47 15.52 15.06
C ALA B 325 -18.16 14.79 15.30
N THR B 326 -17.05 15.48 15.06
CA THR B 326 -15.72 14.93 15.34
C THR B 326 -15.59 14.51 16.81
N ARG B 327 -15.98 15.41 17.72
CA ARG B 327 -15.82 15.12 19.14
C ARG B 327 -16.77 14.01 19.58
N HIS B 328 -17.93 13.92 18.94
CA HIS B 328 -18.86 12.86 19.28
C HIS B 328 -18.28 11.49 18.93
N VAL B 329 -17.64 11.38 17.76
CA VAL B 329 -17.08 10.08 17.41
C VAL B 329 -15.90 9.75 18.29
N LEU B 330 -15.05 10.74 18.59
CA LEU B 330 -13.94 10.49 19.50
C LEU B 330 -14.47 9.97 20.84
N SER B 331 -15.54 10.58 21.34
CA SER B 331 -16.12 10.18 22.64
C SER B 331 -16.69 8.77 22.59
N GLU B 332 -17.41 8.43 21.52
CA GLU B 332 -18.13 7.17 21.52
C GLU B 332 -17.35 5.99 20.96
N TYR B 333 -16.24 6.24 20.24
CA TYR B 333 -15.48 5.20 19.57
C TYR B 333 -13.98 5.30 19.77
N GLY B 334 -13.44 6.42 20.21
CA GLY B 334 -12.01 6.58 20.25
C GLY B 334 -11.40 6.81 18.89
N ASN B 335 -10.07 6.73 18.87
CA ASN B 335 -9.29 6.91 17.65
C ASN B 335 -9.12 5.55 17.01
N MET B 336 -9.90 5.29 15.95
CA MET B 336 -9.87 4.02 15.24
C MET B 336 -8.97 4.09 14.02
N GLY B 337 -8.16 5.13 13.90
CA GLY B 337 -7.30 5.27 12.75
C GLY B 337 -8.03 5.78 11.53
N ALA B 338 -7.57 5.32 10.36
CA ALA B 338 -8.12 5.82 9.09
C ALA B 338 -9.65 5.79 8.99
N PRO B 339 -10.37 4.76 9.48
CA PRO B 339 -11.84 4.80 9.39
C PRO B 339 -12.48 6.00 10.06
N THR B 340 -11.82 6.60 11.05
CA THR B 340 -12.50 7.51 11.95
C THR B 340 -13.17 8.70 11.21
N VAL B 341 -12.49 9.32 10.24
CA VAL B 341 -13.12 10.45 9.56
C VAL B 341 -14.35 10.03 8.77
N HIS B 342 -14.45 8.75 8.39
CA HIS B 342 -15.65 8.28 7.72
C HIS B 342 -16.79 8.08 8.72
N PHE B 343 -16.48 7.59 9.92
CA PHE B 343 -17.48 7.58 11.01
C PHE B 343 -18.02 8.98 11.25
N ILE B 344 -17.13 9.99 11.18
CA ILE B 344 -17.55 11.37 11.44
C ILE B 344 -18.45 11.88 10.32
N LEU B 345 -18.14 11.56 9.06
CA LEU B 345 -19.03 11.95 7.98
C LEU B 345 -20.42 11.31 8.14
N ASP B 346 -20.44 10.02 8.51
CA ASP B 346 -21.69 9.29 8.74
C ASP B 346 -22.49 9.93 9.87
N GLU B 347 -21.80 10.23 10.98
CA GLU B 347 -22.42 10.93 12.11
C GLU B 347 -23.01 12.27 11.68
N MET B 348 -22.24 13.04 10.91
CA MET B 348 -22.72 14.29 10.37
C MET B 348 -23.99 14.11 9.56
N ARG B 349 -23.98 13.12 8.65
CA ARG B 349 -25.16 12.86 7.83
C ARG B 349 -26.34 12.47 8.72
N ASN B 350 -26.11 11.61 9.69
CA ASN B 350 -27.18 11.16 10.57
CA ASN B 350 -27.19 11.16 10.56
C ASN B 350 -27.77 12.32 11.37
N LYS B 351 -26.90 13.15 11.95
CA LYS B 351 -27.37 14.28 12.75
C LYS B 351 -28.09 15.30 11.89
N SER B 352 -27.62 15.50 10.66
CA SER B 352 -28.27 16.43 9.76
C SER B 352 -29.69 15.97 9.45
N ILE B 353 -29.91 14.65 9.31
CA ILE B 353 -31.25 14.12 9.14
C ILE B 353 -32.09 14.41 10.38
N GLU B 354 -31.57 14.07 11.55
CA GLU B 354 -32.26 14.27 12.83
C GLU B 354 -32.70 15.72 12.99
N GLU B 355 -31.81 16.66 12.67
CA GLU B 355 -32.07 18.09 12.85
C GLU B 355 -32.85 18.72 11.71
N GLY B 356 -33.16 17.96 10.66
CA GLY B 356 -33.85 18.55 9.53
C GLY B 356 -33.02 19.56 8.78
N LYS B 357 -31.71 19.37 8.73
CA LYS B 357 -30.87 20.26 7.94
C LYS B 357 -31.12 20.05 6.44
N THR B 358 -30.79 21.08 5.66
CA THR B 358 -31.00 21.03 4.22
C THR B 358 -29.94 20.22 3.48
N THR B 359 -28.79 19.96 4.09
CA THR B 359 -27.75 19.20 3.43
C THR B 359 -27.14 18.19 4.39
N THR B 360 -26.41 17.23 3.81
CA THR B 360 -25.70 16.25 4.59
C THR B 360 -24.54 16.84 5.40
N GLY B 361 -24.07 18.04 5.05
CA GLY B 361 -23.03 18.72 5.80
C GLY B 361 -23.53 19.83 6.71
N GLU B 362 -24.42 19.45 7.63
CA GLU B 362 -24.90 20.33 8.68
C GLU B 362 -25.59 21.55 8.07
N GLY B 363 -26.18 21.39 6.88
CA GLY B 363 -26.83 22.49 6.19
C GLY B 363 -25.92 23.42 5.41
N LEU B 364 -24.62 23.15 5.38
CA LEU B 364 -23.61 23.93 4.69
C LEU B 364 -23.28 23.27 3.35
N GLU B 365 -22.70 24.07 2.45
CA GLU B 365 -22.35 23.59 1.11
CA GLU B 365 -22.35 23.59 1.11
C GLU B 365 -20.96 22.95 1.04
N TRP B 366 -19.95 23.58 1.62
CA TRP B 366 -18.56 23.15 1.48
C TRP B 366 -18.02 22.60 2.80
N GLY B 367 -17.11 21.64 2.71
CA GLY B 367 -16.57 21.00 3.88
C GLY B 367 -15.19 20.44 3.59
N VAL B 368 -14.58 19.83 4.61
CA VAL B 368 -13.24 19.29 4.47
C VAL B 368 -13.10 18.07 5.36
N VAL B 369 -12.34 17.09 4.88
CA VAL B 369 -11.84 15.97 5.65
C VAL B 369 -10.37 16.22 5.89
N ILE B 370 -9.93 16.09 7.15
CA ILE B 370 -8.52 16.31 7.52
C ILE B 370 -7.97 15.03 8.14
N GLY B 371 -7.11 14.34 7.40
CA GLY B 371 -6.40 13.17 7.93
C GLY B 371 -4.99 13.58 8.34
N ILE B 372 -4.53 13.02 9.46
CA ILE B 372 -3.28 13.38 10.11
C ILE B 372 -2.58 12.11 10.57
N GLY B 373 -1.35 11.93 10.16
CA GLY B 373 -0.58 10.74 10.50
C GLY B 373 0.92 10.92 10.34
N PRO B 374 1.63 9.79 10.24
CA PRO B 374 3.11 9.85 10.22
C PRO B 374 3.66 10.75 9.15
N GLY B 375 4.70 11.49 9.54
CA GLY B 375 5.47 12.31 8.62
C GLY B 375 6.02 13.55 9.28
N LEU B 376 5.17 14.34 9.94
CA LEU B 376 3.72 14.26 10.01
C LEU B 376 3.19 14.55 8.61
N THR B 377 2.25 13.74 8.17
CA THR B 377 1.57 13.92 6.91
C THR B 377 0.13 14.33 7.15
N VAL B 378 -0.33 15.33 6.43
CA VAL B 378 -1.74 15.75 6.45
C VAL B 378 -2.30 15.63 5.02
N GLU B 379 -3.40 14.90 4.88
CA GLU B 379 -4.12 14.85 3.62
C GLU B 379 -5.48 15.47 3.87
N THR B 380 -5.84 16.42 3.01
CA THR B 380 -7.14 17.07 3.06
C THR B 380 -7.94 16.71 1.82
N ALA B 381 -9.23 16.56 2.01
CA ALA B 381 -10.15 16.40 0.90
C ALA B 381 -11.25 17.44 1.05
N VAL B 382 -11.38 18.30 0.02
CA VAL B 382 -12.49 19.27 -0.01
C VAL B 382 -13.74 18.54 -0.47
N LEU B 383 -14.84 18.70 0.27
CA LEU B 383 -16.11 18.07 -0.04
C LEU B 383 -17.15 19.14 -0.31
N ARG B 384 -18.16 18.78 -1.09
CA ARG B 384 -19.44 19.47 -1.05
C ARG B 384 -20.48 18.52 -0.48
N SER B 385 -21.44 19.08 0.22
CA SER B 385 -22.57 18.33 0.73
C SER B 385 -23.55 18.05 -0.40
N GLU B 386 -24.63 17.32 -0.06
CA GLU B 386 -25.68 17.01 -1.01
C GLU B 386 -27.00 17.14 -0.27
N SER B 387 -28.07 17.30 -1.03
CA SER B 387 -29.41 17.36 -0.45
CA SER B 387 -29.41 17.36 -0.45
C SER B 387 -29.80 16.02 0.13
N ILE B 388 -30.59 16.07 1.20
CA ILE B 388 -31.01 14.87 1.93
C ILE B 388 -32.20 14.26 1.19
N ARG B 389 -31.97 13.14 0.50
CA ARG B 389 -32.97 12.48 -0.33
C ARG B 389 -32.87 10.95 -0.28
C1 BU4 C . 19.39 -14.62 -2.73
O1 BU4 C . 20.02 -14.15 -1.55
C2 BU4 C . 17.89 -14.68 -2.64
C3 BU4 C . 17.25 -14.82 -1.27
O3 BU4 C . 17.23 -16.19 -0.97
C4 BU4 C . 15.83 -14.31 -1.27
H1 BU4 C . 19.73 -15.50 -2.94
H1A BU4 C . 19.64 -14.04 -3.48
HO1 BU4 C . 20.21 -14.82 -1.06
H2 BU4 C . 17.53 -13.88 -3.04
H2A BU4 C . 17.58 -15.42 -3.18
H3 BU4 C . 17.78 -14.31 -0.63
HO3 BU4 C . 16.69 -16.56 -1.51
H4 BU4 C . 15.60 -13.93 -2.13
H4A BU4 C . 15.71 -13.62 -0.59
H4B BU4 C . 15.20 -15.02 -1.08
C10 A1AT9 D . 9.36 -27.09 -4.49
C11 A1AT9 D . 12.67 -25.36 -11.70
C12 A1AT9 D . 12.19 -23.90 -11.63
C13 A1AT9 D . 10.92 -23.77 -12.47
C14 A1AT9 D . 13.31 -23.01 -12.16
C15 A1AT9 D . 11.94 -23.55 -10.16
C16 A1AT9 D . 10.22 -22.42 -12.30
O17 A1AT9 D . 7.61 -15.35 -4.68
C19 A1AT9 D . 8.03 -19.13 -9.27
C20 A1AT9 D . 7.43 -16.68 -8.79
C21 A1AT9 D . 7.46 -16.45 -7.28
C22 A1AT9 D . 7.86 -14.61 -5.58
C24 A1AT9 D . 8.81 -12.63 -4.02
C27 A1AT9 D . 11.31 -9.62 -3.93
C30 A1AT9 D . 11.08 -12.08 -5.30
C31 A1AT9 D . 8.15 -13.80 -2.24
C32 A1AT9 D . 7.23 -12.60 -2.41
C01 A1AT9 D . 12.73 -29.11 -10.92
C02 A1AT9 D . 13.07 -29.53 -9.55
C03 A1AT9 D . 11.58 -28.75 -7.82
C04 A1AT9 D . 11.05 -29.97 -8.47
C05 A1AT9 D . 12.22 -30.62 -9.03
C06 A1AT9 D . 10.36 -26.93 -8.85
C07 A1AT9 D . 9.28 -26.20 -7.01
C08 A1AT9 D . 10.07 -27.27 -6.66
C09 A1AT9 D . 8.54 -25.58 -6.09
C17 A1AT9 D . 8.62 -20.87 -10.99
C18 A1AT9 D . 9.07 -20.17 -9.69
C23 A1AT9 D . 8.21 -13.14 -5.34
C25 A1AT9 D . 10.00 -11.69 -4.29
C26 A1AT9 D . 10.12 -10.54 -3.66
C28 A1AT9 D . 12.24 -9.96 -4.81
C29 A1AT9 D . 12.11 -11.30 -5.54
N01 A1AT9 D . 10.68 -27.66 -7.78
N02 A1AT9 D . 9.47 -25.97 -8.45
N03 A1AT9 D . 8.57 -26.01 -4.85
N04 A1AT9 D . 10.13 -27.73 -5.43
N05 A1AT9 D . 7.70 -24.44 -6.43
N06 A1AT9 D . 9.31 -22.15 -11.17
N07 A1AT9 D . 8.40 -17.72 -9.18
N08 A1AT9 D . 7.80 -15.07 -6.97
O01 A1AT9 D . 13.08 -25.68 -13.00
O02 A1AT9 D . 12.34 -28.28 -13.47
O03 A1AT9 D . 11.59 -29.74 -11.41
O04 A1AT9 D . 10.99 -30.46 -13.82
O05 A1AT9 D . 9.80 -28.52 -12.85
O06 A1AT9 D . 12.73 -26.60 -15.38
O07 A1AT9 D . 10.74 -26.29 -13.95
O08 A1AT9 D . 12.84 -28.35 -8.60
O09 A1AT9 D . 10.40 -30.84 -7.49
O10 A1AT9 D . 12.95 -31.30 -7.96
O11 A1AT9 D . 13.14 -33.75 -8.73
O12 A1AT9 D . 14.87 -32.15 -9.51
O13 A1AT9 D . 14.84 -32.87 -7.16
O14 A1AT9 D . 10.42 -21.61 -13.14
O15 A1AT9 D . 9.99 -24.77 -12.15
O16 A1AT9 D . 6.92 -19.47 -9.01
O18 A1AT9 D . 9.16 -13.67 -3.18
O19 A1AT9 D . 7.83 -11.81 -3.39
P01 A1AT9 D . 12.20 -26.70 -13.96
P02 A1AT9 D . 11.12 -29.26 -12.92
P03 A1AT9 D . 13.98 -32.54 -8.36
H14 A1AT9 D . 9.38 -27.42 -3.46
H18 A1AT9 D . 13.49 -25.50 -11.02
H17 A1AT9 D . 11.85 -26.02 -11.42
H05 A1AT9 D . 11.25 -23.85 -13.50
H20 A1AT9 D . 13.33 -23.07 -13.25
H21 A1AT9 D . 14.26 -23.34 -11.77
H19 A1AT9 D . 13.12 -21.98 -11.86
H22 A1AT9 D . 11.05 -24.06 -9.81
H23 A1AT9 D . 11.80 -22.48 -10.07
H24 A1AT9 D . 12.80 -23.85 -9.56
H33 A1AT9 D . 6.44 -17.00 -9.09
H32 A1AT9 D . 7.69 -15.76 -9.30
H34 A1AT9 D . 8.20 -17.11 -6.84
H35 A1AT9 D . 6.48 -16.67 -6.87
H40 A1AT9 D . 11.40 -8.67 -3.41
H43 A1AT9 D . 10.99 -13.02 -5.83
H44 A1AT9 D . 8.58 -13.80 -1.24
H45 A1AT9 D . 7.59 -14.72 -2.41
H47 A1AT9 D . 6.24 -12.92 -2.74
H46 A1AT9 D . 7.16 -12.04 -1.48
H07 A1AT9 D . 12.57 -28.04 -10.92
H06 A1AT9 D . 13.57 -29.35 -11.57
H01 A1AT9 D . 14.10 -29.87 -9.57
H02 A1AT9 D . 11.80 -28.97 -6.78
H03 A1AT9 D . 10.31 -29.73 -9.22
H04 A1AT9 D . 11.94 -31.33 -9.80
H13 A1AT9 D . 10.75 -27.07 -9.86
H27 A1AT9 D . 7.56 -21.05 -10.94
H28 A1AT9 D . 8.85 -20.23 -11.83
H30 A1AT9 D . 10.02 -19.69 -9.86
H29 A1AT9 D . 9.18 -20.92 -8.91
H37 A1AT9 D . 7.29 -12.59 -5.49
H38 A1AT9 D . 8.92 -12.87 -6.11
H39 A1AT9 D . 9.36 -10.24 -2.94
H41 A1AT9 D . 13.08 -9.31 -5.00
H42 A1AT9 D . 12.87 -11.60 -6.26
H16 A1AT9 D . 7.41 -24.30 -7.39
H15 A1AT9 D . 7.42 -23.80 -5.72
H25 A1AT9 D . 9.16 -22.87 -10.50
H31 A1AT9 D . 9.34 -17.46 -9.39
H36 A1AT9 D . 7.98 -14.42 -7.71
H10 A1AT9 D . 9.98 -30.31 -6.84
H26 A1AT9 D . 9.13 -24.50 -12.43
C1 BU4 E . -6.56 -0.71 23.61
O1 BU4 E . -6.32 -2.10 23.69
C2 BU4 E . -5.47 0.02 22.85
C3 BU4 E . -4.21 -0.77 22.52
O3 BU4 E . -3.30 -0.59 23.60
C4 BU4 E . -3.58 -0.31 21.22
H1 BU4 E . -6.64 -0.33 24.49
H1A BU4 E . -7.41 -0.56 23.16
HO1 BU4 E . -6.91 -2.50 23.23
H2 BU4 E . -5.21 0.79 23.37
H2A BU4 E . -5.84 0.35 22.01
H3 BU4 E . -4.46 -1.71 22.44
HO3 BU4 E . -2.99 0.20 23.54
H4 BU4 E . -4.25 -0.21 20.53
H4A BU4 E . -2.91 -0.94 20.91
H4B BU4 E . -3.15 0.55 21.34
C14 A1AT8 F . -5.09 13.33 25.60
C11 A1AT8 F . -3.19 14.21 27.01
C10 A1AT8 F . 3.90 11.14 25.87
C12 A1AT8 F . -3.62 13.80 25.55
C13 A1AT8 F . -3.47 15.05 24.59
C01 A1AT8 F . -1.36 14.23 30.73
C02 A1AT8 F . -0.10 13.47 30.95
C03 A1AT8 F . 1.56 13.11 29.20
C04 A1AT8 F . 1.71 14.43 29.79
C05 A1AT8 F . 1.04 14.38 31.09
C06 A1AT8 F . 0.44 13.73 27.01
C07 A1AT8 F . 1.79 12.63 25.56
C08 A1AT8 F . 2.31 12.38 26.90
C09 A1AT8 F . 2.49 12.03 24.48
C15 A1AT8 F . -2.75 12.59 25.08
C16 A1AT8 F . -3.59 14.69 23.11
C17 A1AT8 F . -2.47 13.90 20.86
C18 A1AT8 F . -2.39 12.38 20.73
C19 A1AT8 F . -1.94 11.94 19.28
C20 A1AT8 F . -1.92 10.26 17.34
C21 A1AT8 F . -2.42 8.81 17.00
C22 A1AT8 F . -1.51 6.58 16.02
C23 A1AT8 F . -2.91 5.89 15.94
C24 A1AT8 F . -2.82 4.34 15.68
C25 A1AT8 F . -4.13 3.47 15.47
C26 A1AT8 F . -5.27 3.73 16.12
C27 A1AT8 F . -6.52 2.83 15.90
C28 A1AT8 F . -6.48 1.80 15.07
C29 A1AT8 F . -5.16 1.49 14.32
C30 A1AT8 F . -4.08 2.25 14.51
N01 A1AT8 F . 1.47 13.08 27.77
N02 A1AT8 F . 0.65 13.45 25.64
N03 A1AT8 F . 3.51 11.32 24.70
N04 A1AT8 F . 3.42 11.60 26.98
N05 A1AT8 F . 2.00 12.24 23.11
N06 A1AT8 F . -2.39 14.25 22.31
N07 A1AT8 F . -2.36 10.65 18.71
N08 A1AT8 F . -1.32 7.97 16.51
O01 A1AT8 F . -4.19 15.04 27.61
O02 A1AT8 F . -2.89 17.04 29.04
O03 A1AT8 F . -1.40 14.77 29.43
O04 A1AT8 F . -0.65 17.11 30.36
O05 A1AT8 F . -0.54 16.73 27.93
O06 A1AT8 F . -5.28 17.37 28.05
O07 A1AT8 F . -3.38 17.28 26.48
O08 A1AT8 F . 0.21 12.55 29.75
O09 A1AT8 F . 3.11 14.74 29.96
O10 A1AT8 F . 1.96 13.83 32.10
O11 A1AT8 F . 0.13 14.05 33.95
O12 A1AT8 F . 2.19 15.38 34.17
O13 A1AT8 F . 2.25 12.92 34.50
O14 A1AT8 F . -4.64 14.80 22.61
O15 A1AT8 F . -2.26 15.67 24.78
O16 A1AT8 F . -1.26 12.65 18.62
O17 A1AT8 F . -0.55 5.99 15.65
O18 A1AT8 F . -1.76 3.81 15.64
P01 A1AT8 F . -3.94 16.71 27.77
P02 A1AT8 F . -1.34 16.43 29.19
P03 A1AT8 F . 1.61 14.05 33.72
H19 A1AT8 F . -5.74 14.20 25.70
H21 A1AT8 F . -5.24 12.68 26.45
H20 A1AT8 F . -5.33 12.80 24.69
H17 A1AT8 F . -3.04 13.33 27.61
H18 A1AT8 F . -2.25 14.76 26.96
H14 A1AT8 F . 4.79 10.51 25.97
H05 A1AT8 F . -4.30 15.71 24.87
H06 A1AT8 F . -2.21 13.55 30.87
H07 A1AT8 F . -1.42 15.03 31.46
H01 A1AT8 F . -0.24 12.88 31.84
H02 A1AT8 F . 2.45 12.56 29.47
H03 A1AT8 F . 1.26 15.19 29.15
H04 A1AT8 F . 0.71 15.37 31.38
H13 A1AT8 F . 0.27 14.76 27.25
H24 A1AT8 F . -1.88 12.95 24.56
H22 A1AT8 F . -3.33 11.96 24.42
H23 A1AT8 F . -2.44 12.01 25.95
H28 A1AT8 F . -1.66 14.36 20.33
H27 A1AT8 F . -3.41 14.25 20.45
H30 A1AT8 F . -3.36 11.96 20.94
H29 A1AT8 F . -1.67 12.01 21.44
H33 A1AT8 F . -0.83 10.28 17.29
H32 A1AT8 F . -2.33 10.96 16.61
H35 A1AT8 F . -3.18 8.88 16.22
H34 A1AT8 F . -2.85 8.36 17.89
H37 A1AT8 F . -3.49 6.34 15.13
H38 A1AT8 F . -3.44 6.05 16.90
H39 A1AT8 F . -5.32 4.56 16.80
H40 A1AT8 F . -7.44 3.04 16.43
H41 A1AT8 F . -7.36 1.19 14.90
H42 A1AT8 F . -5.09 0.64 13.64
H43 A1AT8 F . -3.16 2.04 13.98
H15 A1AT8 F . 1.58 13.11 22.86
H16 A1AT8 F . 2.06 11.51 22.42
H25 A1AT8 F . -1.49 14.20 22.78
H31 A1AT8 F . -2.93 10.04 19.24
H36 A1AT8 F . -0.39 8.34 16.53
H10 A1AT8 F . 3.40 14.44 30.81
H26 A1AT8 F . -1.57 15.01 24.85
#